data_9U3D
#
_entry.id   9U3D
#
_cell.length_a   71.367
_cell.length_b   69.687
_cell.length_c   73.095
_cell.angle_alpha   90.000
_cell.angle_beta   92.096
_cell.angle_gamma   90.000
#
_symmetry.space_group_name_H-M   'P 1 21 1'
#
loop_
_entity.id
_entity.type
_entity.pdbx_description
1 polymer 'Monomeric sarcosine oxidase'
2 non-polymer 'FLAVIN-ADENINE DINUCLEOTIDE'
3 non-polymer D-PROLINE
4 non-polymer 'CHLORIDE ION'
5 non-polymer GLYCEROL
6 non-polymer 'SULFATE ION'
7 water water
#
_entity_poly.entity_id   1
_entity_poly.type   'polypeptide(L)'
_entity_poly.pdbx_seq_one_letter_code
;STHFDVIVVGAGSMGMAAGYQLAKQGVKTLLVDAFDPPHTNGSHHGDTRIIRHAYGEGREYVPLALRSQELWYELEKETH
HKIFTKTGVLVFGPKGESAFVAETMEAAKEHSLTVDLLEGDEINKRWPGITVPENYNAIFEPNSGVLFSENCIRAYRELA
EARGAKVLTHTRVEDFDISPDSVKIETANGSYTADKLIVSMGAWNSKLLSKLNLDIPLQPYRQVVGFFESDESKYSNDID
FPGFMVEVPNGIYYGFPSFGGCGLKLGYHTFGQKIDPDTINREFGVYPEDESNLRAFLEEYMPGANGELKRGAVCMYTKT
LDEHFIIDLHPEHSNVVIAAGFSGHGFKFSSGVGEVLSQLALTGKTEHDISIFSINRPALKESLQKTTIGSHHHHHH
;
_entity_poly.pdbx_strand_id   A,B
#
loop_
_chem_comp.id
_chem_comp.type
_chem_comp.name
_chem_comp.formula
CL non-polymer 'CHLORIDE ION' 'Cl -1'
FAD non-polymer 'FLAVIN-ADENINE DINUCLEOTIDE' 'C27 H33 N9 O15 P2'
GOL non-polymer GLYCEROL 'C3 H8 O3'
SO4 non-polymer 'SULFATE ION' 'O4 S -2'
#
# COMPACT_ATOMS: atom_id res chain seq x y z
N THR A 2 27.00 19.25 12.93
CA THR A 2 27.07 18.46 14.18
C THR A 2 26.25 19.09 15.33
N HIS A 3 25.66 20.29 15.15
CA HIS A 3 24.59 20.79 16.00
C HIS A 3 23.23 20.65 15.30
N PHE A 4 22.20 20.25 16.07
CA PHE A 4 20.88 20.04 15.50
C PHE A 4 19.85 20.63 16.44
N ASP A 5 18.62 20.74 15.94
CA ASP A 5 17.53 21.02 16.85
C ASP A 5 17.26 19.86 17.81
N VAL A 6 17.08 18.67 17.21
CA VAL A 6 16.77 17.45 17.94
C VAL A 6 17.71 16.35 17.46
N ILE A 7 18.16 15.53 18.43
CA ILE A 7 18.84 14.25 18.16
C ILE A 7 17.95 13.12 18.66
N VAL A 8 17.71 12.13 17.74
CA VAL A 8 17.02 10.89 18.10
C VAL A 8 18.08 9.79 18.16
N VAL A 9 18.18 9.11 19.31
CA VAL A 9 19.12 8.00 19.46
C VAL A 9 18.33 6.71 19.42
N GLY A 10 18.53 5.97 18.32
CA GLY A 10 17.76 4.78 18.02
C GLY A 10 16.70 5.13 16.99
N ALA A 11 16.97 4.91 15.73
CA ALA A 11 16.08 5.28 14.63
C ALA A 11 15.32 4.03 14.18
N GLY A 12 14.65 3.38 15.16
CA GLY A 12 13.86 2.21 14.90
C GLY A 12 12.37 2.53 14.74
N SER A 13 11.54 1.66 15.29
CA SER A 13 10.11 1.81 15.20
C SER A 13 9.63 3.19 15.70
N MET A 14 10.02 3.54 16.93
CA MET A 14 9.60 4.78 17.54
C MET A 14 10.43 5.95 17.04
N GLY A 15 11.76 5.79 16.95
CA GLY A 15 12.63 6.90 16.60
C GLY A 15 12.41 7.38 15.19
N MET A 16 12.26 6.46 14.25
CA MET A 16 12.10 6.87 12.87
C MET A 16 10.76 7.59 12.68
N ALA A 17 9.70 7.12 13.36
CA ALA A 17 8.41 7.83 13.32
C ALA A 17 8.59 9.23 13.89
N ALA A 18 9.26 9.40 15.02
CA ALA A 18 9.53 10.72 15.57
C ALA A 18 10.31 11.56 14.57
N GLY A 19 11.31 11.01 13.89
CA GLY A 19 12.07 11.75 12.91
C GLY A 19 11.19 12.28 11.78
N TYR A 20 10.29 11.46 11.27
CA TYR A 20 9.36 11.89 10.23
C TYR A 20 8.54 13.06 10.76
N GLN A 21 7.96 12.94 11.96
CA GLN A 21 7.08 13.99 12.49
C GLN A 21 7.87 15.28 12.66
N LEU A 22 9.12 15.21 13.09
CA LEU A 22 9.93 16.41 13.28
C LEU A 22 10.31 17.03 11.94
N ALA A 23 10.76 16.25 10.99
CA ALA A 23 11.16 16.74 9.68
C ALA A 23 9.99 17.39 8.95
N LYS A 24 8.80 16.82 9.07
CA LYS A 24 7.64 17.40 8.40
C LYS A 24 7.35 18.80 8.91
N GLN A 25 7.80 19.15 10.12
CA GLN A 25 7.63 20.47 10.69
C GLN A 25 8.84 21.36 10.50
N GLY A 26 9.79 20.94 9.70
CA GLY A 26 10.94 21.74 9.42
C GLY A 26 11.93 21.76 10.57
N VAL A 27 11.84 20.80 11.49
CA VAL A 27 12.75 20.75 12.63
C VAL A 27 13.97 19.95 12.24
N LYS A 28 15.15 20.54 12.39
CA LYS A 28 16.38 19.93 11.91
CA LYS A 28 16.38 19.93 11.91
C LYS A 28 16.84 18.84 12.86
N THR A 29 16.78 17.61 12.35
CA THR A 29 16.88 16.42 13.18
C THR A 29 18.00 15.53 12.68
N LEU A 30 18.77 15.00 13.64
CA LEU A 30 19.74 13.95 13.41
C LEU A 30 19.24 12.67 14.07
N LEU A 31 19.16 11.57 13.30
CA LEU A 31 18.85 10.27 13.88
C LEU A 31 20.11 9.43 13.81
N VAL A 32 20.42 8.76 14.90
CA VAL A 32 21.65 7.98 14.99
C VAL A 32 21.24 6.55 15.30
N ASP A 33 21.73 5.59 14.50
CA ASP A 33 21.39 4.19 14.73
C ASP A 33 22.67 3.35 14.70
N ALA A 34 22.66 2.32 15.54
CA ALA A 34 23.74 1.32 15.60
C ALA A 34 23.82 0.50 14.32
N PHE A 35 22.76 0.43 13.55
CA PHE A 35 22.70 -0.35 12.30
C PHE A 35 22.15 0.56 11.21
N ASP A 36 21.44 -0.04 10.22
CA ASP A 36 20.93 0.71 9.08
C ASP A 36 19.46 0.36 8.93
N PRO A 37 18.54 1.13 9.57
CA PRO A 37 17.17 0.67 9.65
C PRO A 37 16.38 0.81 8.35
N PRO A 38 15.44 -0.12 8.06
CA PRO A 38 15.13 -1.31 8.86
C PRO A 38 16.19 -2.40 8.83
N HIS A 39 16.32 -3.13 9.95
CA HIS A 39 17.31 -4.18 10.03
C HIS A 39 16.74 -5.34 10.84
N THR A 40 17.56 -6.40 11.04
CA THR A 40 17.12 -7.61 11.67
C THR A 40 17.79 -7.77 13.03
N ASN A 41 18.29 -6.70 13.65
CA ASN A 41 18.98 -6.88 14.92
C ASN A 41 18.17 -6.36 16.12
N GLY A 42 17.04 -5.68 15.86
CA GLY A 42 16.24 -5.08 16.91
C GLY A 42 14.88 -5.76 17.06
N SER A 43 13.81 -4.96 17.14
CA SER A 43 12.48 -5.41 17.50
C SER A 43 11.47 -5.25 16.36
N HIS A 44 11.88 -4.92 15.11
CA HIS A 44 10.92 -4.52 14.10
C HIS A 44 10.88 -5.38 12.84
N HIS A 45 11.69 -6.46 12.74
CA HIS A 45 11.68 -7.33 11.56
C HIS A 45 10.76 -8.54 11.70
N GLY A 46 10.85 -9.43 10.69
CA GLY A 46 9.85 -10.48 10.57
C GLY A 46 8.65 -10.09 9.72
N ASP A 47 8.79 -8.99 8.98
CA ASP A 47 7.86 -8.52 7.95
CA ASP A 47 7.85 -8.53 7.94
C ASP A 47 6.61 -7.81 8.48
N THR A 48 5.85 -8.47 9.36
CA THR A 48 4.47 -8.10 9.67
C THR A 48 4.26 -7.92 11.15
N ARG A 49 3.30 -7.01 11.44
CA ARG A 49 2.85 -6.68 12.78
C ARG A 49 1.34 -6.54 12.80
N ILE A 50 0.69 -7.04 13.84
CA ILE A 50 -0.74 -6.83 14.03
CA ILE A 50 -0.74 -6.84 14.05
C ILE A 50 -1.00 -5.43 14.56
N ILE A 51 -2.05 -4.77 14.02
CA ILE A 51 -2.68 -3.64 14.67
C ILE A 51 -4.11 -4.05 15.02
N ARG A 52 -4.46 -3.87 16.32
CA ARG A 52 -5.79 -4.06 16.88
C ARG A 52 -6.24 -2.72 17.43
N HIS A 53 -7.55 -2.50 17.49
CA HIS A 53 -8.14 -1.31 18.10
C HIS A 53 -8.79 -1.68 19.43
N ALA A 54 -9.60 -2.70 19.46
CA ALA A 54 -10.18 -3.19 20.69
C ALA A 54 -9.07 -3.93 21.40
N TYR A 55 -8.68 -3.35 22.53
CA TYR A 55 -7.31 -3.59 23.06
C TYR A 55 -7.33 -4.44 24.35
N GLY A 56 -6.99 -5.74 24.25
CA GLY A 56 -7.05 -6.65 25.38
C GLY A 56 -6.07 -6.37 26.52
N GLU A 57 -4.96 -5.66 26.25
CA GLU A 57 -4.01 -5.20 27.26
C GLU A 57 -4.57 -4.02 28.06
N GLY A 58 -5.64 -3.36 27.58
CA GLY A 58 -6.24 -2.30 28.34
C GLY A 58 -6.99 -1.36 27.42
N ARG A 59 -8.28 -1.12 27.75
CA ARG A 59 -9.13 -0.17 27.03
C ARG A 59 -8.51 1.21 26.92
N GLU A 60 -7.53 1.59 27.79
CA GLU A 60 -7.03 2.95 27.71
C GLU A 60 -6.06 3.21 26.54
N TYR A 61 -5.70 2.16 25.80
CA TYR A 61 -4.85 2.37 24.63
C TYR A 61 -5.63 2.69 23.35
N VAL A 62 -6.97 2.63 23.45
CA VAL A 62 -7.79 2.69 22.24
C VAL A 62 -7.62 4.01 21.50
N PRO A 63 -7.68 5.19 22.15
CA PRO A 63 -7.45 6.44 21.44
C PRO A 63 -6.13 6.46 20.62
N LEU A 64 -5.04 5.98 21.24
CA LEU A 64 -3.76 5.99 20.55
C LEU A 64 -3.79 4.98 19.38
N ALA A 65 -4.48 3.84 19.54
CA ALA A 65 -4.61 2.89 18.46
C ALA A 65 -5.34 3.51 17.25
N LEU A 66 -6.44 4.26 17.54
CA LEU A 66 -7.20 4.85 16.46
C LEU A 66 -6.43 5.97 15.75
N ARG A 67 -5.74 6.82 16.55
CA ARG A 67 -4.92 7.86 15.94
C ARG A 67 -3.83 7.20 15.07
N SER A 68 -3.21 6.13 15.61
CA SER A 68 -2.13 5.45 14.89
C SER A 68 -2.65 4.86 13.59
N GLN A 69 -3.84 4.25 13.62
CA GLN A 69 -4.45 3.71 12.42
C GLN A 69 -4.61 4.79 11.35
N GLU A 70 -5.16 5.96 11.75
CA GLU A 70 -5.29 7.01 10.74
CA GLU A 70 -5.28 7.08 10.81
C GLU A 70 -3.93 7.45 10.18
N LEU A 71 -2.88 7.53 11.03
CA LEU A 71 -1.55 7.83 10.53
C LEU A 71 -1.03 6.79 9.57
N TRP A 72 -1.36 5.50 9.80
CA TRP A 72 -0.90 4.49 8.85
C TRP A 72 -1.61 4.61 7.50
N TYR A 73 -2.90 4.97 7.54
CA TYR A 73 -3.59 5.26 6.26
C TYR A 73 -2.92 6.47 5.55
N GLU A 74 -2.53 7.49 6.30
CA GLU A 74 -1.84 8.64 5.71
C GLU A 74 -0.52 8.21 5.07
N LEU A 75 0.23 7.35 5.79
CA LEU A 75 1.51 6.91 5.28
C LEU A 75 1.34 6.11 3.98
N GLU A 76 0.35 5.22 3.93
CA GLU A 76 0.06 4.47 2.72
C GLU A 76 -0.04 5.41 1.53
N LYS A 77 -0.72 6.54 1.73
CA LYS A 77 -0.91 7.51 0.63
C LYS A 77 0.39 8.22 0.23
N GLU A 78 1.36 8.35 1.11
CA GLU A 78 2.55 9.15 0.87
CA GLU A 78 2.55 9.15 0.87
C GLU A 78 3.69 8.39 0.21
N THR A 79 3.74 7.05 0.30
CA THR A 79 4.86 6.22 -0.12
C THR A 79 4.41 5.21 -1.17
N HIS A 80 5.37 4.64 -1.90
CA HIS A 80 5.15 3.52 -2.81
C HIS A 80 5.31 2.18 -2.09
N HIS A 81 5.86 2.16 -0.86
CA HIS A 81 5.95 0.90 -0.14
C HIS A 81 4.56 0.54 0.44
N LYS A 82 4.25 -0.76 0.52
CA LYS A 82 3.00 -1.18 1.12
C LYS A 82 3.05 -1.08 2.64
N ILE A 83 2.02 -0.47 3.21
CA ILE A 83 1.96 -0.23 4.66
C ILE A 83 1.00 -1.17 5.38
N PHE A 84 -0.26 -1.25 4.90
CA PHE A 84 -1.32 -1.89 5.68
C PHE A 84 -2.26 -2.71 4.81
N THR A 85 -2.64 -3.91 5.32
CA THR A 85 -3.64 -4.75 4.71
CA THR A 85 -3.68 -4.68 4.69
C THR A 85 -4.71 -5.02 5.76
N LYS A 86 -5.99 -4.81 5.43
CA LYS A 86 -7.09 -4.93 6.40
C LYS A 86 -7.57 -6.38 6.48
N THR A 87 -6.75 -7.22 7.14
CA THR A 87 -7.06 -8.65 7.33
C THR A 87 -8.19 -8.87 8.31
N GLY A 88 -8.45 -7.90 9.18
CA GLY A 88 -9.17 -8.09 10.42
C GLY A 88 -8.33 -8.86 11.44
N VAL A 89 -8.78 -8.81 12.70
CA VAL A 89 -8.08 -9.55 13.75
C VAL A 89 -9.11 -10.32 14.58
N LEU A 90 -8.84 -11.63 14.69
CA LEU A 90 -9.63 -12.55 15.51
C LEU A 90 -8.97 -12.78 16.87
N VAL A 91 -9.73 -12.64 17.94
CA VAL A 91 -9.31 -12.93 19.30
C VAL A 91 -10.25 -14.00 19.85
N PHE A 92 -9.69 -15.11 20.34
CA PHE A 92 -10.52 -16.18 20.88
C PHE A 92 -9.83 -16.78 22.10
N GLY A 93 -10.62 -17.55 22.86
CA GLY A 93 -10.13 -18.21 24.07
C GLY A 93 -11.28 -18.98 24.70
N PRO A 94 -10.98 -19.79 25.74
CA PRO A 94 -12.04 -20.59 26.37
C PRO A 94 -12.98 -19.63 27.09
N LYS A 95 -14.28 -19.87 26.92
CA LYS A 95 -15.30 -19.01 27.49
C LYS A 95 -15.11 -18.92 29.00
N GLY A 96 -15.02 -17.69 29.53
CA GLY A 96 -14.90 -17.42 30.96
C GLY A 96 -13.49 -17.58 31.53
N GLU A 97 -12.50 -17.91 30.70
CA GLU A 97 -11.19 -18.23 31.23
C GLU A 97 -10.09 -17.38 30.60
N SER A 98 -10.44 -16.25 29.98
CA SER A 98 -9.45 -15.41 29.32
C SER A 98 -9.69 -13.94 29.67
N ALA A 99 -8.81 -13.39 30.47
CA ALA A 99 -8.85 -11.97 30.78
C ALA A 99 -8.60 -11.13 29.50
N PHE A 100 -7.69 -11.62 28.64
CA PHE A 100 -7.38 -10.94 27.39
C PHE A 100 -8.65 -10.82 26.55
N VAL A 101 -9.35 -11.94 26.34
CA VAL A 101 -10.58 -11.89 25.53
C VAL A 101 -11.61 -10.96 26.17
N ALA A 102 -11.79 -11.11 27.51
CA ALA A 102 -12.78 -10.30 28.19
C ALA A 102 -12.50 -8.82 28.06
N GLU A 103 -11.23 -8.41 28.18
CA GLU A 103 -10.92 -6.99 28.14
C GLU A 103 -11.06 -6.47 26.71
N THR A 104 -10.74 -7.33 25.72
CA THR A 104 -10.94 -6.98 24.31
C THR A 104 -12.42 -6.63 24.08
N MET A 105 -13.31 -7.50 24.59
CA MET A 105 -14.75 -7.26 24.48
C MET A 105 -15.16 -5.99 25.20
N GLU A 106 -14.65 -5.76 26.42
CA GLU A 106 -15.03 -4.55 27.15
C GLU A 106 -14.55 -3.29 26.45
N ALA A 107 -13.35 -3.33 25.85
CA ALA A 107 -12.82 -2.19 25.13
C ALA A 107 -13.69 -1.83 23.92
N ALA A 108 -14.11 -2.86 23.18
CA ALA A 108 -14.93 -2.63 21.99
C ALA A 108 -16.25 -1.93 22.39
N LYS A 109 -16.83 -2.39 23.49
CA LYS A 109 -18.09 -1.84 23.99
CA LYS A 109 -18.10 -1.84 23.98
C LYS A 109 -17.91 -0.40 24.41
N GLU A 110 -16.89 -0.12 25.21
CA GLU A 110 -16.61 1.21 25.71
C GLU A 110 -16.36 2.22 24.60
N HIS A 111 -15.74 1.78 23.49
CA HIS A 111 -15.31 2.73 22.49
C HIS A 111 -16.12 2.64 21.19
N SER A 112 -17.22 1.88 21.22
CA SER A 112 -18.12 1.73 20.11
C SER A 112 -17.37 1.24 18.87
N LEU A 113 -16.50 0.25 19.10
CA LEU A 113 -15.79 -0.35 17.96
C LEU A 113 -16.63 -1.40 17.25
N THR A 114 -16.40 -1.54 15.94
CA THR A 114 -17.10 -2.50 15.09
C THR A 114 -16.52 -3.90 15.24
N VAL A 115 -17.29 -4.82 15.85
CA VAL A 115 -16.82 -6.18 16.08
C VAL A 115 -17.95 -7.17 15.90
N ASP A 116 -17.56 -8.42 15.65
CA ASP A 116 -18.48 -9.55 15.58
C ASP A 116 -18.19 -10.48 16.74
N LEU A 117 -19.25 -11.04 17.35
CA LEU A 117 -19.08 -12.00 18.45
C LEU A 117 -19.51 -13.37 17.97
N LEU A 118 -18.68 -14.40 18.20
CA LEU A 118 -18.92 -15.74 17.71
C LEU A 118 -18.57 -16.71 18.84
N GLU A 119 -19.11 -17.93 18.78
CA GLU A 119 -18.66 -18.96 19.71
C GLU A 119 -18.69 -20.35 19.09
N GLY A 120 -17.78 -21.19 19.58
CA GLY A 120 -17.74 -22.61 19.25
C GLY A 120 -17.65 -22.87 17.76
N ASP A 121 -18.56 -23.73 17.26
CA ASP A 121 -18.44 -24.15 15.88
C ASP A 121 -18.71 -22.97 14.93
N GLU A 122 -19.29 -21.87 15.40
CA GLU A 122 -19.45 -20.70 14.53
C GLU A 122 -18.09 -20.24 14.01
N ILE A 123 -17.04 -20.37 14.84
CA ILE A 123 -15.70 -19.92 14.47
C ILE A 123 -15.14 -20.82 13.37
N ASN A 124 -15.26 -22.15 13.57
CA ASN A 124 -14.74 -23.15 12.65
C ASN A 124 -15.47 -23.06 11.30
N LYS A 125 -16.73 -22.68 11.34
CA LYS A 125 -17.56 -22.58 10.13
C LYS A 125 -17.19 -21.32 9.35
N ARG A 126 -17.02 -20.18 10.05
CA ARG A 126 -16.73 -18.92 9.39
C ARG A 126 -15.34 -18.99 8.73
N TRP A 127 -14.35 -19.55 9.44
CA TRP A 127 -13.00 -19.58 8.92
C TRP A 127 -12.52 -21.01 8.80
N PRO A 128 -12.84 -21.70 7.68
CA PRO A 128 -12.30 -23.02 7.45
C PRO A 128 -10.81 -22.99 7.74
N GLY A 129 -10.38 -23.98 8.49
CA GLY A 129 -8.98 -24.08 8.87
C GLY A 129 -8.75 -23.83 10.35
N ILE A 130 -9.72 -23.25 11.06
CA ILE A 130 -9.64 -23.10 12.50
C ILE A 130 -10.42 -24.26 13.14
N THR A 131 -9.83 -24.91 14.15
CA THR A 131 -10.50 -25.96 14.91
C THR A 131 -10.43 -25.65 16.41
N VAL A 132 -11.41 -24.93 16.96
CA VAL A 132 -11.47 -24.62 18.38
C VAL A 132 -12.50 -25.55 19.00
N PRO A 133 -12.36 -25.85 20.31
CA PRO A 133 -13.45 -26.54 21.01
C PRO A 133 -14.73 -25.73 21.07
N GLU A 134 -15.85 -26.40 21.43
CA GLU A 134 -17.16 -25.74 21.44
C GLU A 134 -17.29 -24.75 22.58
N ASN A 135 -16.44 -24.83 23.60
CA ASN A 135 -16.51 -23.94 24.74
C ASN A 135 -15.65 -22.69 24.53
N TYR A 136 -15.15 -22.48 23.32
CA TYR A 136 -14.39 -21.27 23.04
C TYR A 136 -15.33 -20.18 22.51
N ASN A 137 -15.02 -18.92 22.85
CA ASN A 137 -15.72 -17.79 22.27
C ASN A 137 -14.71 -16.86 21.60
N ALA A 138 -15.21 -15.91 20.82
CA ALA A 138 -14.37 -15.07 19.96
C ALA A 138 -14.97 -13.69 19.78
N ILE A 139 -14.07 -12.72 19.55
CA ILE A 139 -14.43 -11.38 19.10
C ILE A 139 -13.57 -11.10 17.88
N PHE A 140 -14.20 -10.73 16.76
CA PHE A 140 -13.53 -10.46 15.49
C PHE A 140 -13.68 -8.98 15.20
N GLU A 141 -12.55 -8.31 14.89
CA GLU A 141 -12.52 -6.90 14.53
C GLU A 141 -12.22 -6.75 13.04
N PRO A 142 -13.23 -6.50 12.18
CA PRO A 142 -13.01 -6.53 10.74
C PRO A 142 -12.09 -5.44 10.20
N ASN A 143 -11.99 -4.32 10.90
CA ASN A 143 -11.36 -3.17 10.28
C ASN A 143 -9.95 -2.90 10.81
N SER A 144 -9.43 -3.78 11.65
CA SER A 144 -8.01 -3.73 11.98
C SER A 144 -7.25 -4.72 11.07
N GLY A 145 -5.96 -4.96 11.30
CA GLY A 145 -5.24 -5.78 10.36
C GLY A 145 -3.75 -5.86 10.59
N VAL A 146 -3.01 -5.77 9.50
CA VAL A 146 -1.61 -6.12 9.44
C VAL A 146 -0.81 -4.96 8.83
N LEU A 147 0.27 -4.57 9.51
CA LEU A 147 1.23 -3.57 9.10
C LEU A 147 2.46 -4.29 8.57
N PHE A 148 3.08 -3.78 7.51
CA PHE A 148 4.36 -4.24 7.03
C PHE A 148 5.43 -3.36 7.70
N SER A 149 5.98 -3.86 8.80
CA SER A 149 6.71 -3.02 9.74
C SER A 149 8.01 -2.49 9.17
N GLU A 150 8.77 -3.33 8.45
CA GLU A 150 10.02 -2.89 7.84
C GLU A 150 9.74 -1.82 6.80
N ASN A 151 8.66 -1.99 6.02
CA ASN A 151 8.22 -0.98 5.06
C ASN A 151 7.83 0.32 5.76
N CYS A 152 7.17 0.28 6.91
CA CYS A 152 6.81 1.49 7.63
C CYS A 152 8.05 2.32 8.00
N ILE A 153 9.08 1.64 8.56
CA ILE A 153 10.29 2.34 8.96
C ILE A 153 11.02 2.83 7.72
N ARG A 154 11.08 2.07 6.63
CA ARG A 154 11.77 2.52 5.44
C ARG A 154 11.04 3.74 4.86
N ALA A 155 9.72 3.75 4.80
CA ALA A 155 8.96 4.85 4.27
C ALA A 155 9.15 6.10 5.12
N TYR A 156 9.05 5.99 6.45
CA TYR A 156 9.29 7.13 7.32
C TYR A 156 10.70 7.66 7.13
N ARG A 157 11.67 6.78 6.96
CA ARG A 157 13.04 7.23 6.76
C ARG A 157 13.19 8.00 5.46
N GLU A 158 12.68 7.47 4.37
CA GLU A 158 12.85 8.09 3.06
C GLU A 158 12.15 9.43 3.06
N LEU A 159 10.97 9.57 3.67
CA LEU A 159 10.22 10.79 3.70
C LEU A 159 10.93 11.81 4.58
N ALA A 160 11.40 11.39 5.75
CA ALA A 160 12.13 12.29 6.63
C ALA A 160 13.40 12.80 5.97
N GLU A 161 14.18 11.92 5.36
CA GLU A 161 15.42 12.33 4.70
CA GLU A 161 15.42 12.32 4.71
C GLU A 161 15.16 13.31 3.58
N ALA A 162 14.11 13.10 2.81
CA ALA A 162 13.81 14.02 1.72
C ALA A 162 13.53 15.41 2.25
N ARG A 163 13.02 15.55 3.47
CA ARG A 163 12.74 16.83 4.11
CA ARG A 163 12.76 16.84 4.08
C ARG A 163 13.92 17.31 4.95
N GLY A 164 15.08 16.68 4.85
CA GLY A 164 16.30 17.22 5.43
C GLY A 164 16.76 16.53 6.72
N ALA A 165 16.00 15.54 7.26
CA ALA A 165 16.52 14.76 8.35
C ALA A 165 17.79 14.06 7.92
N LYS A 166 18.75 13.93 8.84
CA LYS A 166 19.98 13.19 8.60
C LYS A 166 20.01 11.93 9.42
N VAL A 167 20.48 10.84 8.83
CA VAL A 167 20.48 9.53 9.44
C VAL A 167 21.93 9.05 9.42
N LEU A 168 22.53 8.93 10.61
CA LEU A 168 23.90 8.47 10.78
C LEU A 168 23.81 7.02 11.16
N THR A 169 24.23 6.13 10.24
CA THR A 169 24.06 4.71 10.37
C THR A 169 25.31 4.02 10.89
N HIS A 170 25.15 2.81 11.40
CA HIS A 170 26.26 1.97 11.85
C HIS A 170 27.09 2.74 12.89
N THR A 171 26.42 3.55 13.71
CA THR A 171 27.09 4.44 14.65
C THR A 171 26.43 4.28 16.02
N ARG A 172 27.08 3.61 16.93
CA ARG A 172 26.53 3.38 18.25
CA ARG A 172 26.54 3.38 18.24
C ARG A 172 26.81 4.58 19.14
N VAL A 173 25.77 5.06 19.84
CA VAL A 173 25.97 6.04 20.90
C VAL A 173 26.51 5.27 22.09
N GLU A 174 27.62 5.80 22.65
CA GLU A 174 28.35 5.19 23.76
CA GLU A 174 28.31 5.16 23.77
C GLU A 174 28.12 5.94 25.07
N ASP A 175 27.83 7.25 24.99
CA ASP A 175 27.58 8.02 26.20
C ASP A 175 26.82 9.29 25.88
N PHE A 176 26.33 9.91 26.95
CA PHE A 176 25.54 11.12 26.90
C PHE A 176 26.14 12.17 27.84
N ASP A 177 25.93 13.44 27.50
CA ASP A 177 26.27 14.58 28.36
C ASP A 177 25.10 15.57 28.27
N ILE A 178 24.35 15.69 29.37
CA ILE A 178 23.14 16.53 29.39
C ILE A 178 23.40 17.79 30.22
N SER A 179 23.12 18.95 29.63
CA SER A 179 23.23 20.25 30.28
CA SER A 179 23.21 20.19 30.39
C SER A 179 21.85 20.89 30.39
N PRO A 180 21.66 21.98 31.16
CA PRO A 180 20.37 22.66 31.16
C PRO A 180 19.87 23.15 29.81
N ASP A 181 20.80 23.54 28.93
CA ASP A 181 20.40 24.20 27.71
C ASP A 181 20.84 23.43 26.47
N SER A 182 21.34 22.20 26.66
CA SER A 182 21.76 21.42 25.50
CA SER A 182 21.96 21.46 25.56
C SER A 182 21.98 19.96 25.89
N VAL A 183 22.01 19.11 24.84
CA VAL A 183 22.26 17.68 24.95
C VAL A 183 23.42 17.32 24.03
N LYS A 184 24.15 16.30 24.44
CA LYS A 184 25.31 15.85 23.67
C LYS A 184 25.39 14.34 23.70
N ILE A 185 25.72 13.73 22.54
CA ILE A 185 25.99 12.29 22.44
C ILE A 185 27.43 12.09 22.00
N GLU A 186 28.01 10.98 22.46
CA GLU A 186 29.36 10.55 22.10
C GLU A 186 29.28 9.26 21.29
N THR A 187 29.99 9.21 20.17
CA THR A 187 30.07 8.02 19.32
C THR A 187 31.53 7.91 18.82
N ALA A 188 31.89 6.75 18.26
CA ALA A 188 33.20 6.55 17.69
C ALA A 188 33.40 7.43 16.47
N ASN A 189 32.32 7.85 15.82
CA ASN A 189 32.41 8.66 14.61
C ASN A 189 32.26 10.15 14.90
N GLY A 190 32.23 10.55 16.18
CA GLY A 190 32.16 11.94 16.58
C GLY A 190 31.05 12.21 17.57
N SER A 191 31.11 13.40 18.15
CA SER A 191 30.12 13.85 19.11
CA SER A 191 30.11 13.85 19.11
C SER A 191 29.16 14.85 18.45
N TYR A 192 27.90 14.82 18.90
CA TYR A 192 26.87 15.67 18.30
C TYR A 192 26.09 16.32 19.42
N THR A 193 25.61 17.55 19.16
CA THR A 193 24.88 18.35 20.13
C THR A 193 23.57 18.84 19.54
N ALA A 194 22.62 19.07 20.43
CA ALA A 194 21.31 19.57 20.03
C ALA A 194 20.63 20.26 21.19
N ASP A 195 19.46 20.80 20.92
CA ASP A 195 18.62 21.40 21.96
C ASP A 195 17.87 20.35 22.75
N LYS A 196 17.47 19.25 22.08
CA LYS A 196 16.64 18.24 22.68
C LYS A 196 17.09 16.85 22.22
N LEU A 197 16.84 15.87 23.07
CA LEU A 197 17.20 14.48 22.81
C LEU A 197 15.96 13.60 22.95
N ILE A 198 15.80 12.64 22.01
CA ILE A 198 14.83 11.55 22.15
C ILE A 198 15.62 10.27 22.22
N VAL A 199 15.34 9.45 23.22
CA VAL A 199 16.06 8.22 23.45
C VAL A 199 15.08 7.08 23.23
N SER A 200 15.37 6.26 22.22
CA SER A 200 14.49 5.20 21.73
C SER A 200 15.30 4.02 21.20
N MET A 201 16.03 3.36 22.13
CA MET A 201 17.04 2.38 21.74
C MET A 201 16.50 0.96 21.85
N GLY A 202 15.22 0.77 22.03
CA GLY A 202 14.64 -0.57 22.00
C GLY A 202 15.21 -1.44 23.14
N ALA A 203 15.67 -2.65 22.77
CA ALA A 203 16.16 -3.55 23.81
C ALA A 203 17.40 -2.97 24.49
N TRP A 204 18.16 -2.09 23.80
CA TRP A 204 19.34 -1.52 24.41
C TRP A 204 19.03 -0.45 25.43
N ASN A 205 17.78 -0.03 25.55
CA ASN A 205 17.39 0.84 26.67
C ASN A 205 17.70 0.12 27.98
N SER A 206 17.65 -1.22 28.00
CA SER A 206 17.89 -1.99 29.23
C SER A 206 19.34 -1.87 29.69
N LYS A 207 20.26 -1.50 28.80
CA LYS A 207 21.68 -1.47 29.07
C LYS A 207 22.20 -0.05 29.18
N LEU A 208 21.63 0.93 28.46
CA LEU A 208 22.23 2.25 28.34
C LEU A 208 21.47 3.38 29.04
N LEU A 209 20.26 3.15 29.57
CA LEU A 209 19.55 4.21 30.28
C LEU A 209 20.28 4.54 31.59
N SER A 210 21.11 3.64 32.07
CA SER A 210 21.93 3.94 33.24
C SER A 210 22.91 5.08 32.97
N LYS A 211 23.29 5.33 31.71
CA LYS A 211 24.15 6.44 31.35
C LYS A 211 23.40 7.77 31.43
N LEU A 212 22.07 7.73 31.63
CA LEU A 212 21.30 8.93 31.89
C LEU A 212 20.81 8.95 33.33
N ASN A 213 21.44 8.19 34.21
CA ASN A 213 21.14 8.18 35.64
C ASN A 213 19.73 7.64 35.91
N LEU A 214 19.23 6.73 35.06
CA LEU A 214 17.93 6.11 35.23
C LEU A 214 18.13 4.66 35.67
N ASP A 215 17.28 4.24 36.59
CA ASP A 215 17.27 2.90 37.14
C ASP A 215 15.86 2.33 37.00
N ILE A 216 15.60 1.70 35.86
CA ILE A 216 14.27 1.21 35.54
C ILE A 216 14.35 -0.26 35.17
N PRO A 217 13.56 -1.14 35.82
CA PRO A 217 13.55 -2.54 35.40
C PRO A 217 13.04 -2.68 33.97
N LEU A 218 13.90 -3.24 33.12
CA LEU A 218 13.58 -3.56 31.73
C LEU A 218 14.26 -4.87 31.38
N GLN A 219 13.48 -5.84 30.93
CA GLN A 219 14.01 -7.16 30.62
C GLN A 219 13.79 -7.49 29.14
N PRO A 220 14.87 -7.59 28.33
CA PRO A 220 14.76 -8.10 26.96
C PRO A 220 14.47 -9.58 26.96
N TYR A 221 13.65 -10.02 26.01
CA TYR A 221 13.26 -11.40 25.78
C TYR A 221 13.45 -11.75 24.32
N ARG A 222 13.97 -12.96 24.07
CA ARG A 222 14.11 -13.52 22.75
C ARG A 222 12.81 -14.18 22.32
N GLN A 223 12.22 -13.69 21.22
CA GLN A 223 10.88 -14.05 20.76
C GLN A 223 10.98 -14.43 19.30
N VAL A 224 10.69 -15.69 18.99
CA VAL A 224 10.78 -16.23 17.66
C VAL A 224 9.43 -16.28 16.98
N VAL A 225 9.45 -16.34 15.65
CA VAL A 225 8.29 -16.56 14.78
C VAL A 225 8.71 -17.54 13.69
N GLY A 226 7.70 -18.27 13.18
CA GLY A 226 7.87 -19.23 12.10
C GLY A 226 6.78 -19.07 11.06
N PHE A 227 7.20 -19.25 9.79
CA PHE A 227 6.32 -19.31 8.65
C PHE A 227 6.24 -20.76 8.17
N PHE A 228 5.01 -21.24 7.99
CA PHE A 228 4.79 -22.68 7.70
C PHE A 228 4.03 -22.83 6.39
N GLU A 229 4.42 -23.85 5.60
CA GLU A 229 3.67 -24.19 4.40
C GLU A 229 2.24 -24.59 4.80
N SER A 230 1.25 -23.96 4.15
CA SER A 230 -0.11 -24.04 4.61
C SER A 230 -1.04 -24.33 3.43
N ASP A 231 -2.25 -24.78 3.74
CA ASP A 231 -3.31 -24.96 2.75
C ASP A 231 -3.78 -23.56 2.33
N GLU A 232 -3.40 -23.15 1.13
CA GLU A 232 -3.67 -21.78 0.67
C GLU A 232 -5.16 -21.55 0.49
N SER A 233 -5.93 -22.61 0.25
CA SER A 233 -7.36 -22.48 0.09
C SER A 233 -8.08 -22.16 1.39
N LYS A 234 -7.35 -22.24 2.54
CA LYS A 234 -7.90 -21.90 3.84
CA LYS A 234 -7.91 -21.88 3.84
CA LYS A 234 -7.91 -21.89 3.84
C LYS A 234 -7.18 -20.71 4.47
N TYR A 235 -5.84 -20.66 4.37
CA TYR A 235 -5.07 -19.72 5.24
C TYR A 235 -4.55 -18.49 4.50
N SER A 236 -4.87 -18.32 3.23
CA SER A 236 -4.44 -17.14 2.47
CA SER A 236 -4.42 -17.14 2.51
C SER A 236 -5.22 -15.90 2.90
N ASN A 237 -4.51 -14.75 2.88
CA ASN A 237 -5.21 -13.46 2.94
C ASN A 237 -6.22 -13.31 1.80
N ASP A 238 -5.97 -13.99 0.69
CA ASP A 238 -6.90 -13.86 -0.45
C ASP A 238 -8.29 -14.46 -0.20
N ILE A 239 -8.39 -15.43 0.71
CA ILE A 239 -9.65 -16.01 1.15
C ILE A 239 -10.05 -15.51 2.53
N ASP A 240 -9.52 -14.34 2.94
CA ASP A 240 -9.96 -13.64 4.13
C ASP A 240 -9.64 -14.34 5.46
N PHE A 241 -8.59 -15.17 5.46
CA PHE A 241 -8.11 -15.69 6.73
C PHE A 241 -7.57 -14.49 7.51
N PRO A 242 -7.92 -14.36 8.80
CA PRO A 242 -7.59 -13.15 9.55
C PRO A 242 -6.23 -13.24 10.21
N GLY A 243 -5.71 -12.08 10.62
CA GLY A 243 -4.70 -12.02 11.67
C GLY A 243 -5.36 -12.48 12.97
N PHE A 244 -4.58 -12.87 13.99
CA PHE A 244 -5.17 -13.38 15.21
C PHE A 244 -4.24 -13.23 16.41
N MET A 245 -4.85 -13.12 17.59
CA MET A 245 -4.17 -13.11 18.86
C MET A 245 -5.12 -13.81 19.82
N VAL A 246 -4.70 -14.94 20.39
CA VAL A 246 -5.60 -15.84 21.06
C VAL A 246 -4.98 -16.33 22.36
N GLU A 247 -5.86 -16.69 23.30
CA GLU A 247 -5.45 -17.26 24.58
C GLU A 247 -5.96 -18.69 24.68
N VAL A 248 -5.03 -19.54 25.09
CA VAL A 248 -5.32 -20.95 25.31
C VAL A 248 -4.70 -21.30 26.66
N PRO A 249 -5.02 -22.47 27.27
CA PRO A 249 -4.54 -22.74 28.63
C PRO A 249 -3.05 -22.54 28.92
N ASN A 250 -2.19 -22.76 27.91
CA ASN A 250 -0.75 -22.60 28.15
CA ASN A 250 -0.73 -22.63 28.04
C ASN A 250 -0.21 -21.27 27.58
N GLY A 251 -1.09 -20.31 27.27
CA GLY A 251 -0.64 -18.95 26.97
C GLY A 251 -1.27 -18.34 25.72
N ILE A 252 -0.62 -17.26 25.27
CA ILE A 252 -1.09 -16.44 24.16
C ILE A 252 -0.20 -16.65 22.95
N TYR A 253 -0.86 -16.86 21.80
CA TYR A 253 -0.25 -17.03 20.50
C TYR A 253 -0.81 -15.97 19.57
N TYR A 254 -0.04 -15.62 18.53
CA TYR A 254 -0.52 -14.67 17.53
C TYR A 254 -0.04 -15.10 16.17
N GLY A 255 -0.75 -14.65 15.13
CA GLY A 255 -0.37 -15.03 13.80
C GLY A 255 -1.03 -14.23 12.69
N PHE A 256 -0.63 -14.63 11.49
CA PHE A 256 -0.91 -13.88 10.27
C PHE A 256 -1.33 -14.84 9.21
N PRO A 257 -2.23 -14.43 8.29
CA PRO A 257 -2.52 -15.22 7.12
C PRO A 257 -1.33 -15.28 6.20
N SER A 258 -1.32 -16.23 5.23
CA SER A 258 -0.31 -16.30 4.22
C SER A 258 -0.54 -15.19 3.20
N PHE A 259 0.53 -14.44 2.90
CA PHE A 259 0.51 -13.38 1.90
C PHE A 259 1.35 -13.81 0.72
N GLY A 260 0.73 -13.90 -0.46
CA GLY A 260 1.44 -14.33 -1.65
C GLY A 260 2.15 -15.68 -1.48
N GLY A 261 1.59 -16.57 -0.69
CA GLY A 261 2.13 -17.92 -0.51
C GLY A 261 3.33 -17.98 0.44
N CYS A 262 3.57 -16.96 1.29
CA CYS A 262 4.70 -16.97 2.23
C CYS A 262 4.53 -17.99 3.34
N GLY A 263 3.30 -18.43 3.54
CA GLY A 263 2.92 -19.33 4.62
C GLY A 263 2.28 -18.58 5.80
N LEU A 264 1.44 -19.25 6.59
CA LEU A 264 0.95 -18.71 7.84
C LEU A 264 2.13 -18.49 8.77
N LYS A 265 2.16 -17.35 9.44
CA LYS A 265 3.17 -17.02 10.40
C LYS A 265 2.58 -17.06 11.80
N LEU A 266 3.33 -17.66 12.74
CA LEU A 266 2.91 -17.81 14.10
C LEU A 266 4.03 -17.43 15.07
N GLY A 267 3.64 -16.84 16.20
CA GLY A 267 4.51 -16.71 17.35
C GLY A 267 3.81 -17.05 18.65
N TYR A 268 4.64 -17.40 19.65
CA TYR A 268 4.21 -17.64 21.03
C TYR A 268 4.56 -16.42 21.88
N HIS A 269 3.58 -15.74 22.42
CA HIS A 269 3.74 -14.43 23.04
C HIS A 269 4.20 -14.51 24.50
N THR A 270 3.69 -15.47 25.27
CA THR A 270 3.84 -15.37 26.73
C THR A 270 5.08 -16.11 27.22
N PHE A 271 5.85 -16.75 26.32
CA PHE A 271 7.14 -17.32 26.66
C PHE A 271 8.22 -16.79 25.72
N GLY A 272 9.43 -16.57 26.26
CA GLY A 272 10.64 -16.31 25.50
C GLY A 272 11.83 -16.42 26.44
N GLN A 273 13.03 -16.46 25.90
CA GLN A 273 14.21 -16.55 26.77
C GLN A 273 14.63 -15.16 27.26
N LYS A 274 15.01 -15.00 28.54
CA LYS A 274 15.68 -13.79 28.99
C LYS A 274 17.05 -13.66 28.37
N ILE A 275 17.35 -12.52 27.70
CA ILE A 275 18.57 -12.36 26.99
C ILE A 275 19.14 -10.94 27.21
N ASP A 276 20.36 -10.79 26.76
CA ASP A 276 21.01 -9.51 26.61
C ASP A 276 21.12 -9.21 25.11
N PRO A 277 20.79 -8.00 24.61
CA PRO A 277 20.76 -7.76 23.17
C PRO A 277 22.10 -7.83 22.45
N ASP A 278 23.20 -7.76 23.22
CA ASP A 278 24.50 -7.90 22.60
C ASP A 278 24.98 -9.35 22.58
N THR A 279 24.30 -10.29 23.23
CA THR A 279 24.73 -11.68 23.16
C THR A 279 23.66 -12.65 22.69
N ILE A 280 22.42 -12.19 22.45
CA ILE A 280 21.33 -13.03 21.96
C ILE A 280 21.75 -13.84 20.74
N ASN A 281 21.33 -15.13 20.71
CA ASN A 281 21.48 -15.93 19.52
C ASN A 281 20.29 -15.70 18.56
N ARG A 282 20.57 -15.10 17.43
CA ARG A 282 19.52 -14.66 16.51
C ARG A 282 19.26 -15.71 15.43
N GLU A 283 19.71 -16.98 15.64
CA GLU A 283 19.38 -18.04 14.71
C GLU A 283 18.16 -18.80 15.18
N PHE A 284 17.17 -18.95 14.30
CA PHE A 284 15.97 -19.69 14.64
C PHE A 284 16.29 -21.18 14.69
N GLY A 285 15.80 -21.83 15.73
CA GLY A 285 15.91 -23.29 15.79
C GLY A 285 17.02 -23.79 16.70
N VAL A 286 17.81 -22.90 17.31
CA VAL A 286 18.90 -23.31 18.21
C VAL A 286 18.38 -23.83 19.53
N TYR A 287 17.16 -23.49 19.92
CA TYR A 287 16.51 -24.08 21.07
CA TYR A 287 16.46 -24.01 21.08
C TYR A 287 15.34 -24.91 20.58
N PRO A 288 15.12 -26.12 21.17
CA PRO A 288 14.04 -26.96 20.69
C PRO A 288 12.64 -26.33 20.78
N GLU A 289 12.47 -25.39 21.72
CA GLU A 289 11.20 -24.70 21.92
C GLU A 289 10.82 -23.88 20.69
N ASP A 290 11.80 -23.40 19.92
CA ASP A 290 11.52 -22.44 18.85
C ASP A 290 10.43 -22.95 17.93
N GLU A 291 10.65 -24.16 17.37
CA GLU A 291 9.76 -24.76 16.40
C GLU A 291 8.66 -25.54 17.13
N SER A 292 8.99 -26.21 18.24
CA SER A 292 8.05 -27.13 18.85
CA SER A 292 8.06 -27.12 18.86
C SER A 292 6.86 -26.42 19.49
N ASN A 293 7.08 -25.24 20.12
CA ASN A 293 5.96 -24.55 20.75
C ASN A 293 4.96 -24.06 19.68
N LEU A 294 5.46 -23.78 18.48
CA LEU A 294 4.60 -23.35 17.40
C LEU A 294 3.75 -24.52 16.87
N ARG A 295 4.41 -25.65 16.54
CA ARG A 295 3.65 -26.79 16.03
C ARG A 295 2.66 -27.37 17.03
N ALA A 296 2.91 -27.24 18.33
CA ALA A 296 1.99 -27.68 19.35
C ALA A 296 0.66 -26.92 19.21
N PHE A 297 0.72 -25.62 18.90
CA PHE A 297 -0.49 -24.81 18.71
C PHE A 297 -1.15 -25.21 17.37
N LEU A 298 -0.35 -25.25 16.29
CA LEU A 298 -0.90 -25.49 14.96
C LEU A 298 -1.66 -26.82 14.88
N GLU A 299 -1.09 -27.87 15.49
CA GLU A 299 -1.70 -29.19 15.31
C GLU A 299 -3.06 -29.19 15.98
N GLU A 300 -3.24 -28.46 17.06
CA GLU A 300 -4.48 -28.39 17.80
C GLU A 300 -5.53 -27.48 17.17
N TYR A 301 -5.14 -26.27 16.72
CA TYR A 301 -6.07 -25.22 16.39
C TYR A 301 -6.08 -24.83 14.89
N MET A 302 -5.01 -25.04 14.13
CA MET A 302 -4.91 -24.66 12.74
C MET A 302 -4.15 -25.74 11.97
N PRO A 303 -4.77 -26.97 11.90
CA PRO A 303 -4.00 -28.14 11.49
C PRO A 303 -3.53 -28.22 10.07
N GLY A 304 -4.15 -27.43 9.16
CA GLY A 304 -3.70 -27.39 7.79
C GLY A 304 -2.64 -26.32 7.50
N ALA A 305 -2.18 -25.65 8.56
CA ALA A 305 -1.10 -24.67 8.49
C ALA A 305 0.16 -25.18 9.18
N ASN A 306 0.36 -26.50 9.20
CA ASN A 306 1.40 -27.19 9.98
C ASN A 306 2.32 -27.96 9.04
N GLY A 307 2.66 -27.38 7.88
CA GLY A 307 3.57 -27.98 6.93
C GLY A 307 5.04 -27.68 7.23
N GLU A 308 5.88 -27.83 6.21
CA GLU A 308 7.30 -27.55 6.31
C GLU A 308 7.52 -26.13 6.81
N LEU A 309 8.50 -25.94 7.69
CA LEU A 309 8.96 -24.61 8.08
C LEU A 309 9.63 -23.94 6.89
N LYS A 310 9.11 -22.78 6.45
CA LYS A 310 9.63 -22.06 5.31
C LYS A 310 10.65 -20.98 5.70
N ARG A 311 10.50 -20.42 6.90
CA ARG A 311 11.30 -19.29 7.35
C ARG A 311 11.11 -19.16 8.85
N GLY A 312 12.17 -18.78 9.54
CA GLY A 312 12.07 -18.39 10.92
C GLY A 312 12.74 -17.03 11.14
N ALA A 313 12.37 -16.35 12.24
CA ALA A 313 13.03 -15.11 12.63
C ALA A 313 13.12 -15.04 14.14
N VAL A 314 14.08 -14.24 14.62
CA VAL A 314 14.36 -14.07 16.03
C VAL A 314 14.37 -12.57 16.32
N CYS A 315 13.53 -12.15 17.24
CA CYS A 315 13.27 -10.76 17.52
C CYS A 315 13.27 -10.55 19.03
N MET A 316 13.23 -9.32 19.52
CA MET A 316 13.24 -9.04 20.93
C MET A 316 12.05 -8.23 21.39
N TYR A 317 11.52 -8.58 22.55
CA TYR A 317 10.65 -7.73 23.33
C TYR A 317 11.51 -7.04 24.40
N THR A 318 11.07 -5.89 24.90
CA THR A 318 11.63 -5.25 26.09
C THR A 318 10.50 -5.01 27.08
N LYS A 319 10.42 -5.78 28.17
CA LYS A 319 9.30 -5.70 29.08
C LYS A 319 9.56 -4.83 30.30
N THR A 320 8.56 -4.01 30.67
CA THR A 320 8.44 -3.40 32.00
C THR A 320 7.70 -4.38 32.92
N LEU A 321 7.75 -4.11 34.23
CA LEU A 321 7.09 -5.00 35.19
C LEU A 321 5.57 -5.04 35.03
N ASP A 322 4.94 -3.97 34.56
CA ASP A 322 3.51 -3.91 34.37
C ASP A 322 3.12 -4.08 32.89
N GLU A 323 4.10 -4.23 32.00
CA GLU A 323 3.89 -4.45 30.55
C GLU A 323 3.18 -3.25 29.90
N HIS A 324 3.24 -2.09 30.56
CA HIS A 324 2.85 -0.83 29.92
C HIS A 324 4.09 -0.07 29.46
N PHE A 325 3.91 0.81 28.48
CA PHE A 325 5.04 1.52 27.90
C PHE A 325 5.60 2.58 28.86
N ILE A 326 6.76 3.12 28.51
CA ILE A 326 7.31 4.31 29.12
C ILE A 326 7.44 5.34 28.00
N ILE A 327 6.72 6.44 28.14
CA ILE A 327 6.77 7.56 27.22
C ILE A 327 6.70 8.81 28.07
N ASP A 328 7.80 9.55 28.24
CA ASP A 328 7.78 10.65 29.20
C ASP A 328 9.05 11.46 29.02
N LEU A 329 9.07 12.63 29.67
CA LEU A 329 10.29 13.38 29.90
C LEU A 329 11.13 12.67 30.96
N HIS A 330 12.47 12.81 30.85
CA HIS A 330 13.37 12.40 31.91
C HIS A 330 13.05 13.24 33.15
N PRO A 331 12.81 12.63 34.33
CA PRO A 331 12.46 13.39 35.54
C PRO A 331 13.38 14.53 35.92
N GLU A 332 14.66 14.43 35.54
CA GLU A 332 15.67 15.42 35.91
C GLU A 332 16.04 16.35 34.76
N HIS A 333 15.54 16.08 33.55
CA HIS A 333 15.99 16.79 32.36
C HIS A 333 14.83 16.94 31.37
N SER A 334 14.18 18.10 31.34
CA SER A 334 13.02 18.33 30.51
C SER A 334 13.36 18.39 29.02
N ASN A 335 14.66 18.48 28.67
CA ASN A 335 15.12 18.43 27.29
C ASN A 335 15.49 17.00 26.82
N VAL A 336 15.09 15.99 27.59
CA VAL A 336 15.33 14.60 27.24
C VAL A 336 14.00 13.86 27.30
N VAL A 337 13.63 13.16 26.20
CA VAL A 337 12.42 12.35 26.08
C VAL A 337 12.82 10.88 26.02
N ILE A 338 12.10 10.04 26.75
CA ILE A 338 12.37 8.61 26.80
C ILE A 338 11.19 7.85 26.20
N ALA A 339 11.47 6.89 25.33
CA ALA A 339 10.50 5.93 24.78
C ALA A 339 11.06 4.53 24.96
N ALA A 340 10.50 3.75 25.88
CA ALA A 340 11.07 2.48 26.25
C ALA A 340 10.01 1.47 26.68
N GLY A 341 10.40 0.19 26.73
CA GLY A 341 9.62 -0.76 27.49
C GLY A 341 8.32 -1.15 26.79
N PHE A 342 8.32 -1.29 25.46
CA PHE A 342 7.11 -1.53 24.67
C PHE A 342 6.55 -2.94 24.79
N SER A 343 7.26 -3.80 25.54
CA SER A 343 6.64 -5.00 26.13
C SER A 343 5.95 -5.89 25.08
N GLY A 344 6.51 -5.98 23.88
CA GLY A 344 5.98 -6.88 22.89
C GLY A 344 4.70 -6.40 22.20
N HIS A 345 4.29 -5.12 22.35
CA HIS A 345 3.02 -4.71 21.76
C HIS A 345 3.04 -3.25 21.31
N GLY A 346 4.21 -2.69 20.99
CA GLY A 346 4.29 -1.30 20.65
C GLY A 346 4.19 -0.97 19.16
N PHE A 347 4.48 -1.88 18.22
CA PHE A 347 4.69 -1.44 16.83
C PHE A 347 3.45 -0.69 16.30
N LYS A 348 2.28 -1.26 16.55
CA LYS A 348 1.03 -0.69 16.01
C LYS A 348 0.87 0.78 16.37
N PHE A 349 1.43 1.16 17.51
CA PHE A 349 1.31 2.53 18.01
C PHE A 349 2.44 3.43 17.52
N SER A 350 3.44 2.89 16.79
CA SER A 350 4.62 3.68 16.54
C SER A 350 4.34 4.98 15.79
N SER A 351 3.38 4.99 14.87
CA SER A 351 3.02 6.24 14.19
C SER A 351 2.53 7.29 15.20
N GLY A 352 1.64 6.91 16.12
CA GLY A 352 1.10 7.83 17.12
C GLY A 352 2.17 8.24 18.13
N VAL A 353 3.02 7.27 18.52
CA VAL A 353 4.10 7.55 19.45
C VAL A 353 5.10 8.53 18.82
N GLY A 354 5.35 8.45 17.52
CA GLY A 354 6.24 9.40 16.91
C GLY A 354 5.70 10.81 17.02
N GLU A 355 4.39 10.97 16.91
CA GLU A 355 3.73 12.27 17.13
C GLU A 355 3.87 12.72 18.57
N VAL A 356 3.64 11.85 19.55
CA VAL A 356 3.80 12.15 20.97
C VAL A 356 5.22 12.60 21.22
N LEU A 357 6.21 11.87 20.72
CA LEU A 357 7.59 12.19 21.02
C LEU A 357 8.01 13.54 20.42
N SER A 358 7.50 13.85 19.24
CA SER A 358 7.80 15.11 18.61
CA SER A 358 7.75 15.13 18.58
C SER A 358 7.19 16.24 19.46
N GLN A 359 5.98 16.06 19.97
CA GLN A 359 5.33 17.10 20.82
C GLN A 359 6.13 17.28 22.11
N LEU A 360 6.54 16.20 22.78
CA LEU A 360 7.29 16.28 24.02
C LEU A 360 8.61 16.98 23.80
N ALA A 361 9.30 16.63 22.71
CA ALA A 361 10.57 17.26 22.39
C ALA A 361 10.43 18.76 22.14
N LEU A 362 9.43 19.17 21.36
CA LEU A 362 9.32 20.58 20.97
C LEU A 362 8.71 21.43 22.08
N THR A 363 7.82 20.91 22.92
CA THR A 363 6.98 21.74 23.78
C THR A 363 7.03 21.31 25.23
N GLY A 364 7.56 20.10 25.53
CA GLY A 364 7.52 19.58 26.87
C GLY A 364 6.15 19.02 27.30
N LYS A 365 5.20 18.96 26.37
CA LYS A 365 3.82 18.55 26.60
CA LYS A 365 3.89 18.39 26.65
C LYS A 365 3.31 17.77 25.39
N THR A 366 2.17 17.10 25.53
CA THR A 366 1.56 16.48 24.36
C THR A 366 0.06 16.68 24.50
N GLU A 367 -0.64 16.73 23.38
CA GLU A 367 -2.10 16.76 23.43
C GLU A 367 -2.67 15.36 23.71
N HIS A 368 -1.86 14.29 23.61
CA HIS A 368 -2.29 12.96 23.96
C HIS A 368 -2.29 12.73 25.48
N ASP A 369 -3.22 11.85 25.92
CA ASP A 369 -3.22 11.47 27.33
C ASP A 369 -2.26 10.31 27.51
N ILE A 370 -1.09 10.56 28.14
CA ILE A 370 -0.07 9.54 28.30
C ILE A 370 0.25 9.20 29.75
N SER A 371 -0.67 9.51 30.68
CA SER A 371 -0.47 9.26 32.10
C SER A 371 -0.14 7.81 32.44
N ILE A 372 -0.72 6.83 31.73
CA ILE A 372 -0.49 5.44 32.00
C ILE A 372 0.96 5.04 31.66
N PHE A 373 1.67 5.89 30.91
CA PHE A 373 3.03 5.58 30.48
C PHE A 373 4.10 6.37 31.24
N SER A 374 3.72 6.98 32.38
CA SER A 374 4.58 7.84 33.15
C SER A 374 5.80 7.07 33.65
N ILE A 375 6.95 7.72 33.62
CA ILE A 375 8.22 7.15 34.04
C ILE A 375 8.32 7.13 35.59
N ASN A 376 7.38 7.82 36.24
CA ASN A 376 7.38 7.98 37.70
C ASN A 376 6.38 7.06 38.39
N ARG A 377 5.68 6.21 37.63
CA ARG A 377 4.59 5.44 38.20
C ARG A 377 5.16 4.34 39.09
N PRO A 378 4.41 3.98 40.15
CA PRO A 378 4.88 2.96 41.10
C PRO A 378 5.15 1.56 40.55
N ALA A 379 4.32 1.12 39.59
CA ALA A 379 4.37 -0.26 39.13
C ALA A 379 5.57 -0.51 38.23
N LEU A 380 6.33 0.53 37.83
CA LEU A 380 7.60 0.30 37.13
C LEU A 380 8.65 -0.34 38.01
N LYS A 381 8.58 -0.04 39.32
CA LYS A 381 9.67 -0.27 40.24
C LYS A 381 9.47 -1.61 40.94
N GLU A 382 10.59 -2.25 41.31
CA GLU A 382 10.58 -3.53 41.99
C GLU A 382 9.82 -3.46 43.34
N SER B 1 -15.58 -30.32 -20.82
CA SER B 1 -15.72 -28.85 -20.66
C SER B 1 -16.89 -28.58 -19.70
N THR B 2 -16.89 -27.41 -19.04
CA THR B 2 -17.94 -27.06 -18.12
C THR B 2 -18.58 -25.74 -18.56
N HIS B 3 -19.86 -25.59 -18.20
CA HIS B 3 -20.68 -24.42 -18.47
C HIS B 3 -20.54 -23.42 -17.32
N PHE B 4 -20.17 -22.16 -17.61
CA PHE B 4 -20.07 -21.11 -16.60
C PHE B 4 -21.29 -20.17 -16.57
N ASP B 5 -21.47 -19.37 -15.52
CA ASP B 5 -22.44 -18.30 -15.52
C ASP B 5 -21.99 -17.20 -16.50
N VAL B 6 -20.71 -16.81 -16.41
CA VAL B 6 -20.15 -15.75 -17.21
C VAL B 6 -18.78 -16.15 -17.71
N ILE B 7 -18.49 -15.94 -19.00
CA ILE B 7 -17.16 -16.06 -19.57
C ILE B 7 -16.66 -14.64 -19.87
N VAL B 8 -15.42 -14.35 -19.44
CA VAL B 8 -14.72 -13.13 -19.78
C VAL B 8 -13.61 -13.45 -20.75
N VAL B 9 -13.59 -12.84 -21.93
CA VAL B 9 -12.56 -13.04 -22.93
CA VAL B 9 -12.52 -13.07 -22.89
C VAL B 9 -11.66 -11.81 -22.94
N GLY B 10 -10.41 -12.03 -22.48
CA GLY B 10 -9.46 -10.96 -22.25
C GLY B 10 -9.47 -10.54 -20.78
N ALA B 11 -8.53 -11.10 -20.02
CA ALA B 11 -8.51 -10.95 -18.57
C ALA B 11 -7.42 -9.94 -18.22
N GLY B 12 -7.50 -8.78 -18.84
CA GLY B 12 -6.56 -7.70 -18.63
C GLY B 12 -7.13 -6.68 -17.64
N SER B 13 -6.89 -5.39 -17.97
CA SER B 13 -7.31 -4.29 -17.10
C SER B 13 -8.81 -4.37 -16.77
N MET B 14 -9.64 -4.45 -17.83
CA MET B 14 -11.08 -4.43 -17.64
C MET B 14 -11.60 -5.82 -17.25
N GLY B 15 -11.07 -6.82 -17.94
CA GLY B 15 -11.63 -8.15 -17.75
C GLY B 15 -11.33 -8.76 -16.38
N MET B 16 -10.13 -8.50 -15.85
CA MET B 16 -9.78 -9.05 -14.54
C MET B 16 -10.58 -8.33 -13.46
N ALA B 17 -10.81 -7.00 -13.62
CA ALA B 17 -11.66 -6.30 -12.67
C ALA B 17 -13.08 -6.88 -12.67
N ALA B 18 -13.60 -7.11 -13.89
CA ALA B 18 -14.93 -7.70 -14.00
C ALA B 18 -14.98 -9.08 -13.33
N GLY B 19 -13.94 -9.88 -13.56
CA GLY B 19 -13.89 -11.21 -12.96
C GLY B 19 -13.87 -11.20 -11.43
N TYR B 20 -13.17 -10.22 -10.83
CA TYR B 20 -13.22 -10.01 -9.39
C TYR B 20 -14.63 -9.66 -8.92
N GLN B 21 -15.27 -8.69 -9.60
CA GLN B 21 -16.59 -8.26 -9.21
C GLN B 21 -17.58 -9.44 -9.26
N LEU B 22 -17.45 -10.28 -10.27
CA LEU B 22 -18.40 -11.40 -10.41
C LEU B 22 -18.11 -12.48 -9.37
N ALA B 23 -16.84 -12.83 -9.21
CA ALA B 23 -16.45 -13.89 -8.29
C ALA B 23 -16.81 -13.55 -6.86
N LYS B 24 -16.67 -12.27 -6.49
CA LYS B 24 -17.00 -11.83 -5.14
C LYS B 24 -18.46 -12.10 -4.80
N GLN B 25 -19.30 -12.13 -5.82
CA GLN B 25 -20.71 -12.45 -5.62
C GLN B 25 -21.04 -13.90 -5.94
N GLY B 26 -20.06 -14.77 -6.14
CA GLY B 26 -20.35 -16.20 -6.26
C GLY B 26 -20.80 -16.58 -7.67
N VAL B 27 -20.64 -15.66 -8.62
CA VAL B 27 -20.93 -15.98 -9.99
C VAL B 27 -19.82 -16.87 -10.51
N LYS B 28 -20.18 -18.03 -11.09
CA LYS B 28 -19.23 -18.96 -11.64
C LYS B 28 -18.70 -18.36 -12.94
N THR B 29 -17.40 -18.05 -12.94
CA THR B 29 -16.73 -17.24 -13.94
CA THR B 29 -16.75 -17.25 -13.98
C THR B 29 -15.51 -17.97 -14.50
N LEU B 30 -15.33 -17.91 -15.82
CA LEU B 30 -14.16 -18.32 -16.51
C LEU B 30 -13.56 -17.08 -17.16
N LEU B 31 -12.28 -16.82 -16.89
CA LEU B 31 -11.49 -15.82 -17.57
C LEU B 31 -10.48 -16.43 -18.51
N VAL B 32 -10.48 -16.00 -19.75
CA VAL B 32 -9.60 -16.53 -20.75
C VAL B 32 -8.68 -15.44 -21.20
N ASP B 33 -7.38 -15.77 -21.28
CA ASP B 33 -6.40 -14.83 -21.72
C ASP B 33 -5.39 -15.49 -22.66
N ALA B 34 -4.98 -14.72 -23.68
CA ALA B 34 -3.97 -15.11 -24.65
C ALA B 34 -2.63 -15.31 -23.95
N PHE B 35 -2.39 -14.56 -22.87
CA PHE B 35 -1.13 -14.66 -22.15
C PHE B 35 -1.39 -15.04 -20.71
N ASP B 36 -0.55 -14.53 -19.78
CA ASP B 36 -0.63 -14.90 -18.38
C ASP B 36 -0.61 -13.62 -17.54
N PRO B 37 -1.80 -13.03 -17.26
CA PRO B 37 -1.85 -11.67 -16.73
C PRO B 37 -1.51 -11.55 -15.25
N PRO B 38 -0.87 -10.42 -14.83
CA PRO B 38 -0.44 -9.32 -15.69
C PRO B 38 0.75 -9.71 -16.54
N HIS B 39 0.84 -9.15 -17.76
CA HIS B 39 1.94 -9.47 -18.66
C HIS B 39 2.43 -8.21 -19.35
N THR B 40 3.36 -8.35 -20.29
CA THR B 40 3.94 -7.19 -20.99
C THR B 40 3.61 -7.18 -22.49
N ASN B 41 2.50 -7.84 -22.86
CA ASN B 41 2.12 -7.93 -24.28
C ASN B 41 0.93 -7.05 -24.65
N GLY B 42 0.21 -6.51 -23.67
CA GLY B 42 -0.99 -5.73 -23.93
C GLY B 42 -0.82 -4.25 -23.60
N SER B 43 -1.79 -3.73 -22.85
CA SER B 43 -1.90 -2.30 -22.58
C SER B 43 -1.68 -1.92 -21.10
N HIS B 44 -1.26 -2.83 -20.22
CA HIS B 44 -1.31 -2.58 -18.78
C HIS B 44 0.05 -2.54 -18.09
N HIS B 45 1.16 -2.74 -18.80
CA HIS B 45 2.48 -2.82 -18.14
C HIS B 45 3.17 -1.46 -18.16
N GLY B 46 4.45 -1.40 -17.75
CA GLY B 46 5.16 -0.15 -17.51
C GLY B 46 4.99 0.39 -16.09
N ASP B 47 4.46 -0.47 -15.22
CA ASP B 47 4.40 -0.27 -13.77
C ASP B 47 3.25 0.61 -13.28
N THR B 48 3.16 1.83 -13.82
CA THR B 48 2.36 2.90 -13.23
C THR B 48 1.39 3.52 -14.22
N ARG B 49 0.26 4.01 -13.68
CA ARG B 49 -0.76 4.74 -14.42
C ARG B 49 -1.26 5.91 -13.60
N ILE B 50 -1.55 7.01 -14.24
CA ILE B 50 -2.15 8.17 -13.61
CA ILE B 50 -2.14 8.18 -13.60
C ILE B 50 -3.64 7.95 -13.41
N ILE B 51 -4.17 8.33 -12.21
CA ILE B 51 -5.61 8.57 -12.02
C ILE B 51 -5.73 10.06 -11.72
N ARG B 52 -6.65 10.68 -12.47
CA ARG B 52 -7.10 12.05 -12.32
C ARG B 52 -8.60 12.03 -12.08
N HIS B 53 -9.12 13.04 -11.40
CA HIS B 53 -10.57 13.14 -11.19
C HIS B 53 -11.12 14.28 -12.05
N ALA B 54 -10.57 15.48 -11.94
CA ALA B 54 -10.90 16.59 -12.82
C ALA B 54 -10.35 16.19 -14.18
N TYR B 55 -11.26 16.09 -15.17
CA TYR B 55 -10.95 15.27 -16.36
C TYR B 55 -10.94 16.10 -17.64
N GLY B 56 -9.73 16.37 -18.18
CA GLY B 56 -9.58 17.22 -19.32
C GLY B 56 -10.19 16.63 -20.60
N GLU B 57 -10.35 15.30 -20.69
CA GLU B 57 -11.04 14.66 -21.81
C GLU B 57 -12.54 14.90 -21.78
N GLY B 58 -13.07 15.39 -20.65
CA GLY B 58 -14.49 15.64 -20.57
C GLY B 58 -15.01 15.48 -19.15
N ARG B 59 -15.65 16.54 -18.66
CA ARG B 59 -16.22 16.55 -17.32
C ARG B 59 -17.17 15.38 -17.08
N GLU B 60 -17.71 14.69 -18.11
CA GLU B 60 -18.69 13.65 -17.85
C GLU B 60 -18.02 12.39 -17.31
N TYR B 61 -16.69 12.29 -17.37
CA TYR B 61 -16.04 11.12 -16.80
C TYR B 61 -15.86 11.22 -15.29
N VAL B 62 -16.15 12.38 -14.68
CA VAL B 62 -15.83 12.61 -13.28
C VAL B 62 -16.49 11.61 -12.36
N PRO B 63 -17.80 11.32 -12.47
CA PRO B 63 -18.42 10.35 -11.57
C PRO B 63 -17.77 8.98 -11.60
N LEU B 64 -17.44 8.49 -12.79
CA LEU B 64 -16.81 7.17 -12.88
C LEU B 64 -15.40 7.25 -12.31
N ALA B 65 -14.67 8.37 -12.47
CA ALA B 65 -13.34 8.50 -11.89
C ALA B 65 -13.43 8.40 -10.38
N LEU B 66 -14.41 9.12 -9.80
CA LEU B 66 -14.56 9.16 -8.36
C LEU B 66 -14.95 7.79 -7.82
N ARG B 67 -15.86 7.08 -8.49
CA ARG B 67 -16.21 5.72 -8.07
C ARG B 67 -14.98 4.81 -8.17
N SER B 68 -14.25 4.92 -9.28
CA SER B 68 -13.05 4.12 -9.44
C SER B 68 -12.07 4.36 -8.30
N GLN B 69 -11.85 5.62 -7.94
CA GLN B 69 -10.95 5.94 -6.85
C GLN B 69 -11.43 5.23 -5.58
N GLU B 70 -12.71 5.27 -5.28
CA GLU B 70 -13.24 4.55 -4.12
C GLU B 70 -12.89 3.06 -4.18
N LEU B 71 -13.09 2.47 -5.36
CA LEU B 71 -12.79 1.06 -5.53
C LEU B 71 -11.30 0.78 -5.41
N TRP B 72 -10.42 1.68 -5.84
CA TRP B 72 -8.99 1.43 -5.63
C TRP B 72 -8.60 1.44 -4.15
N TYR B 73 -9.20 2.33 -3.38
CA TYR B 73 -8.96 2.35 -1.95
C TYR B 73 -9.45 1.03 -1.34
N GLU B 74 -10.60 0.49 -1.80
CA GLU B 74 -11.06 -0.79 -1.29
C GLU B 74 -10.04 -1.88 -1.59
N LEU B 75 -9.50 -1.91 -2.84
CA LEU B 75 -8.57 -2.95 -3.27
C LEU B 75 -7.31 -2.87 -2.40
N GLU B 76 -6.80 -1.66 -2.14
CA GLU B 76 -5.63 -1.49 -1.31
C GLU B 76 -5.79 -2.22 0.02
N LYS B 77 -6.96 -2.21 0.60
CA LYS B 77 -7.17 -2.83 1.90
CA LYS B 77 -7.15 -2.83 1.90
C LYS B 77 -7.25 -4.36 1.81
N GLU B 78 -7.56 -4.90 0.65
CA GLU B 78 -7.81 -6.33 0.50
CA GLU B 78 -7.81 -6.33 0.52
C GLU B 78 -6.56 -7.13 0.19
N THR B 79 -5.52 -6.50 -0.38
CA THR B 79 -4.35 -7.23 -0.86
C THR B 79 -3.07 -6.75 -0.18
N HIS B 80 -2.04 -7.57 -0.29
CA HIS B 80 -0.70 -7.16 0.12
C HIS B 80 0.09 -6.43 -0.97
N HIS B 81 -0.43 -6.42 -2.19
CA HIS B 81 0.23 -5.67 -3.25
C HIS B 81 -0.07 -4.18 -3.12
N LYS B 82 0.91 -3.34 -3.46
CA LYS B 82 0.66 -1.88 -3.45
C LYS B 82 -0.23 -1.48 -4.64
N ILE B 83 -1.26 -0.69 -4.36
CA ILE B 83 -2.25 -0.30 -5.37
C ILE B 83 -2.08 1.18 -5.79
N PHE B 84 -2.00 2.10 -4.79
CA PHE B 84 -2.17 3.54 -5.06
C PHE B 84 -1.26 4.37 -4.18
N THR B 85 -0.64 5.40 -4.77
CA THR B 85 0.01 6.40 -3.96
CA THR B 85 0.14 6.41 -4.06
C THR B 85 -0.46 7.78 -4.44
N LYS B 86 -0.77 8.63 -3.46
CA LYS B 86 -1.39 9.92 -3.68
CA LYS B 86 -1.39 9.93 -3.67
C LYS B 86 -0.36 10.99 -4.01
N THR B 87 0.17 10.95 -5.23
CA THR B 87 1.18 11.88 -5.69
C THR B 87 0.62 13.26 -5.97
N GLY B 88 -0.68 13.37 -6.14
CA GLY B 88 -1.28 14.52 -6.80
C GLY B 88 -0.98 14.53 -8.30
N VAL B 89 -1.77 15.28 -9.07
CA VAL B 89 -1.54 15.36 -10.52
C VAL B 89 -1.61 16.83 -10.93
N LEU B 90 -0.52 17.25 -11.59
CA LEU B 90 -0.35 18.59 -12.15
C LEU B 90 -0.68 18.59 -13.64
N VAL B 91 -1.54 19.52 -14.02
CA VAL B 91 -1.87 19.75 -15.43
C VAL B 91 -1.48 21.19 -15.77
N PHE B 92 -0.68 21.40 -16.82
CA PHE B 92 -0.27 22.76 -17.20
C PHE B 92 -0.21 22.85 -18.73
N GLY B 93 -0.15 24.11 -19.20
CA GLY B 93 -0.02 24.41 -20.62
C GLY B 93 -0.04 25.93 -20.79
N PRO B 94 0.16 26.42 -22.03
CA PRO B 94 0.19 27.87 -22.31
C PRO B 94 -1.21 28.42 -22.06
N LYS B 95 -1.26 29.54 -21.31
CA LYS B 95 -2.48 30.19 -20.93
C LYS B 95 -3.33 30.51 -22.17
N GLY B 96 -4.59 30.08 -22.17
CA GLY B 96 -5.50 30.30 -23.29
C GLY B 96 -5.28 29.42 -24.52
N GLU B 97 -4.34 28.49 -24.47
CA GLU B 97 -3.97 27.74 -25.67
C GLU B 97 -3.98 26.24 -25.39
N SER B 98 -4.83 25.78 -24.47
CA SER B 98 -4.96 24.36 -24.22
C SER B 98 -6.40 24.05 -23.86
N ALA B 99 -7.13 23.37 -24.74
CA ALA B 99 -8.44 22.85 -24.44
C ALA B 99 -8.38 21.88 -23.25
N PHE B 100 -7.34 21.07 -23.21
CA PHE B 100 -7.18 20.04 -22.18
C PHE B 100 -7.08 20.71 -20.81
N VAL B 101 -6.27 21.76 -20.69
CA VAL B 101 -6.16 22.46 -19.42
C VAL B 101 -7.50 23.10 -19.08
N ALA B 102 -8.14 23.73 -20.09
CA ALA B 102 -9.36 24.47 -19.81
C ALA B 102 -10.47 23.53 -19.36
N GLU B 103 -10.61 22.36 -19.98
CA GLU B 103 -11.67 21.45 -19.62
C GLU B 103 -11.36 20.82 -18.24
N THR B 104 -10.08 20.60 -17.89
CA THR B 104 -9.71 20.18 -16.54
C THR B 104 -10.20 21.18 -15.50
N MET B 105 -9.95 22.47 -15.74
CA MET B 105 -10.40 23.55 -14.85
C MET B 105 -11.93 23.61 -14.73
N GLU B 106 -12.64 23.46 -15.85
CA GLU B 106 -14.10 23.44 -15.85
C GLU B 106 -14.67 22.26 -15.07
N ALA B 107 -14.07 21.07 -15.25
CA ALA B 107 -14.54 19.87 -14.59
C ALA B 107 -14.38 20.03 -13.08
N ALA B 108 -13.25 20.59 -12.64
CA ALA B 108 -13.00 20.84 -11.22
C ALA B 108 -14.05 21.79 -10.65
N LYS B 109 -14.40 22.84 -11.35
CA LYS B 109 -15.45 23.75 -10.89
C LYS B 109 -16.83 23.09 -10.84
N GLU B 110 -17.23 22.39 -11.89
CA GLU B 110 -18.55 21.79 -12.01
C GLU B 110 -18.76 20.74 -10.93
N HIS B 111 -17.71 19.98 -10.59
CA HIS B 111 -17.81 18.91 -9.62
C HIS B 111 -17.28 19.26 -8.23
N SER B 112 -16.97 20.54 -8.00
CA SER B 112 -16.49 21.03 -6.70
C SER B 112 -15.31 20.23 -6.19
N LEU B 113 -14.30 20.00 -7.05
CA LEU B 113 -13.14 19.21 -6.65
C LEU B 113 -12.10 20.10 -5.95
N THR B 114 -11.28 19.49 -5.11
CA THR B 114 -10.24 20.21 -4.41
C THR B 114 -9.04 20.40 -5.33
N VAL B 115 -8.74 21.63 -5.74
CA VAL B 115 -7.64 21.92 -6.64
C VAL B 115 -6.97 23.23 -6.24
N ASP B 116 -5.72 23.36 -6.67
CA ASP B 116 -4.97 24.61 -6.62
C ASP B 116 -4.71 25.17 -8.00
N LEU B 117 -4.84 26.50 -8.20
CA LEU B 117 -4.60 27.13 -9.48
C LEU B 117 -3.32 27.95 -9.34
N LEU B 118 -2.43 27.88 -10.33
CA LEU B 118 -1.10 28.50 -10.28
C LEU B 118 -0.77 29.00 -11.67
N GLU B 119 0.09 30.02 -11.74
CA GLU B 119 0.54 30.47 -13.05
C GLU B 119 2.03 30.76 -13.03
N GLY B 120 2.71 30.59 -14.19
CA GLY B 120 4.01 31.19 -14.38
C GLY B 120 5.04 30.69 -13.36
N ASP B 121 5.76 31.64 -12.78
CA ASP B 121 6.86 31.31 -11.88
C ASP B 121 6.37 30.58 -10.63
N GLU B 122 5.08 30.69 -10.31
CA GLU B 122 4.53 29.99 -9.15
C GLU B 122 4.69 28.48 -9.30
N ILE B 123 4.60 27.97 -10.54
CA ILE B 123 4.78 26.54 -10.80
C ILE B 123 6.23 26.15 -10.50
N ASN B 124 7.20 26.91 -11.08
CA ASN B 124 8.61 26.63 -10.93
CA ASN B 124 8.61 26.63 -10.92
C ASN B 124 9.03 26.68 -9.45
N LYS B 125 8.45 27.62 -8.68
CA LYS B 125 8.77 27.78 -7.26
CA LYS B 125 8.78 27.77 -7.26
C LYS B 125 8.20 26.65 -6.40
N ARG B 126 6.96 26.23 -6.70
CA ARG B 126 6.32 25.17 -5.90
C ARG B 126 7.04 23.83 -6.08
N TRP B 127 7.41 23.53 -7.34
CA TRP B 127 8.03 22.25 -7.67
C TRP B 127 9.35 22.53 -8.37
N PRO B 128 10.41 22.72 -7.58
CA PRO B 128 11.77 22.75 -8.07
C PRO B 128 11.97 21.57 -9.02
N GLY B 129 12.53 21.87 -10.17
CA GLY B 129 12.70 20.87 -11.20
C GLY B 129 11.84 21.12 -12.45
N ILE B 130 10.77 21.88 -12.31
CA ILE B 130 9.92 22.27 -13.44
C ILE B 130 10.33 23.66 -13.89
N THR B 131 10.47 23.81 -15.22
CA THR B 131 10.82 25.12 -15.83
C THR B 131 9.86 25.40 -16.96
N VAL B 132 8.77 26.11 -16.66
CA VAL B 132 7.80 26.52 -17.67
C VAL B 132 7.96 28.01 -17.93
N PRO B 133 7.57 28.45 -19.15
CA PRO B 133 7.52 29.89 -19.46
C PRO B 133 6.49 30.61 -18.58
N GLU B 134 6.68 31.92 -18.40
CA GLU B 134 5.83 32.74 -17.56
C GLU B 134 4.38 32.77 -18.05
N ASN B 135 4.11 32.49 -19.33
CA ASN B 135 2.76 32.51 -19.87
C ASN B 135 2.03 31.19 -19.69
N TYR B 136 2.58 30.23 -18.94
CA TYR B 136 1.85 28.99 -18.67
C TYR B 136 0.97 29.11 -17.43
N ASN B 137 -0.12 28.36 -17.41
CA ASN B 137 -0.90 28.26 -16.18
C ASN B 137 -1.08 26.77 -15.86
N ALA B 138 -1.63 26.51 -14.67
CA ALA B 138 -1.74 25.15 -14.19
C ALA B 138 -2.91 24.98 -13.25
N ILE B 139 -3.30 23.71 -13.11
CA ILE B 139 -4.24 23.27 -12.11
C ILE B 139 -3.67 21.98 -11.52
N PHE B 140 -3.58 21.98 -10.19
CA PHE B 140 -3.05 20.84 -9.44
C PHE B 140 -4.14 20.21 -8.59
N GLU B 141 -4.21 18.88 -8.65
CA GLU B 141 -5.22 18.10 -7.93
C GLU B 141 -4.55 17.26 -6.87
N PRO B 142 -4.52 17.71 -5.58
CA PRO B 142 -3.74 16.98 -4.58
C PRO B 142 -4.20 15.55 -4.30
N ASN B 143 -5.46 15.24 -4.54
CA ASN B 143 -5.95 13.96 -4.09
C ASN B 143 -5.94 12.88 -5.16
N SER B 144 -5.49 13.23 -6.35
CA SER B 144 -5.33 12.21 -7.36
CA SER B 144 -5.24 12.36 -7.48
C SER B 144 -3.92 11.62 -7.26
N GLY B 145 -3.55 10.72 -8.17
CA GLY B 145 -2.25 10.08 -8.01
C GLY B 145 -1.96 8.99 -9.00
N VAL B 146 -1.29 7.96 -8.49
CA VAL B 146 -0.65 6.94 -9.28
C VAL B 146 -1.10 5.56 -8.84
N LEU B 147 -1.49 4.77 -9.83
CA LEU B 147 -1.83 3.38 -9.65
C LEU B 147 -0.69 2.50 -10.11
N PHE B 148 -0.48 1.39 -9.42
CA PHE B 148 0.49 0.36 -9.83
C PHE B 148 -0.31 -0.72 -10.59
N SER B 149 -0.35 -0.55 -11.91
CA SER B 149 -1.35 -1.26 -12.72
C SER B 149 -1.17 -2.78 -12.82
N GLU B 150 0.08 -3.23 -12.88
CA GLU B 150 0.33 -4.67 -12.87
C GLU B 150 -0.09 -5.27 -11.54
N ASN B 151 0.19 -4.54 -10.45
CA ASN B 151 -0.25 -4.98 -9.15
C ASN B 151 -1.77 -5.05 -9.02
N CYS B 152 -2.47 -4.08 -9.61
CA CYS B 152 -3.92 -4.08 -9.60
C CYS B 152 -4.47 -5.36 -10.25
N ILE B 153 -3.98 -5.68 -11.43
CA ILE B 153 -4.46 -6.87 -12.12
C ILE B 153 -4.08 -8.16 -11.37
N ARG B 154 -2.88 -8.21 -10.81
CA ARG B 154 -2.48 -9.39 -10.05
CA ARG B 154 -2.46 -9.38 -10.04
C ARG B 154 -3.35 -9.57 -8.82
N ALA B 155 -3.64 -8.47 -8.10
CA ALA B 155 -4.50 -8.51 -6.93
C ALA B 155 -5.91 -9.00 -7.29
N TYR B 156 -6.54 -8.38 -8.28
CA TYR B 156 -7.85 -8.83 -8.72
C TYR B 156 -7.81 -10.31 -9.15
N ARG B 157 -6.77 -10.75 -9.79
CA ARG B 157 -6.70 -12.16 -10.19
C ARG B 157 -6.62 -13.08 -8.99
N GLU B 158 -5.73 -12.76 -8.05
CA GLU B 158 -5.57 -13.60 -6.87
C GLU B 158 -6.85 -13.65 -6.07
N LEU B 159 -7.55 -12.56 -5.88
CA LEU B 159 -8.75 -12.46 -5.11
C LEU B 159 -9.86 -13.25 -5.84
N ALA B 160 -9.96 -13.08 -7.14
CA ALA B 160 -10.99 -13.77 -7.94
C ALA B 160 -10.79 -15.27 -7.88
N GLU B 161 -9.57 -15.74 -8.12
CA GLU B 161 -9.24 -17.16 -8.08
C GLU B 161 -9.52 -17.74 -6.70
N ALA B 162 -9.19 -17.02 -5.63
CA ALA B 162 -9.50 -17.54 -4.31
C ALA B 162 -10.99 -17.78 -4.11
N ARG B 163 -11.84 -16.99 -4.78
CA ARG B 163 -13.30 -17.08 -4.70
CA ARG B 163 -13.29 -17.09 -4.69
C ARG B 163 -13.84 -18.02 -5.77
N GLY B 164 -12.99 -18.72 -6.52
CA GLY B 164 -13.41 -19.80 -7.39
C GLY B 164 -13.42 -19.46 -8.88
N ALA B 165 -13.12 -18.21 -9.25
CA ALA B 165 -12.95 -17.93 -10.67
C ALA B 165 -11.85 -18.80 -11.24
N LYS B 166 -12.06 -19.29 -12.48
CA LYS B 166 -11.06 -20.03 -13.19
C LYS B 166 -10.41 -19.12 -14.21
N VAL B 167 -9.10 -19.23 -14.32
CA VAL B 167 -8.32 -18.46 -15.26
C VAL B 167 -7.63 -19.45 -16.16
N LEU B 168 -7.97 -19.38 -17.46
CA LEU B 168 -7.31 -20.14 -18.50
C LEU B 168 -6.32 -19.24 -19.23
N THR B 169 -5.03 -19.49 -19.00
CA THR B 169 -3.96 -18.72 -19.60
C THR B 169 -3.48 -19.35 -20.90
N HIS B 170 -2.73 -18.56 -21.65
CA HIS B 170 -2.08 -18.92 -22.89
C HIS B 170 -3.06 -19.53 -23.89
N THR B 171 -4.23 -18.90 -24.04
CA THR B 171 -5.34 -19.44 -24.82
C THR B 171 -6.01 -18.29 -25.59
N ARG B 172 -5.82 -18.26 -26.91
CA ARG B 172 -6.47 -17.24 -27.72
C ARG B 172 -7.86 -17.73 -28.14
N VAL B 173 -8.90 -16.99 -27.77
CA VAL B 173 -10.22 -17.19 -28.35
C VAL B 173 -10.16 -16.74 -29.80
N GLU B 174 -10.76 -17.56 -30.70
CA GLU B 174 -10.65 -17.36 -32.14
C GLU B 174 -12.00 -17.07 -32.78
N ASP B 175 -13.08 -17.57 -32.18
CA ASP B 175 -14.41 -17.29 -32.70
C ASP B 175 -15.46 -17.37 -31.60
N PHE B 176 -16.69 -16.99 -31.95
CA PHE B 176 -17.82 -16.98 -31.04
C PHE B 176 -19.07 -17.59 -31.69
N ASP B 177 -19.91 -18.20 -30.88
CA ASP B 177 -21.24 -18.63 -31.32
C ASP B 177 -22.26 -18.20 -30.27
N ILE B 178 -23.13 -17.25 -30.60
CA ILE B 178 -24.05 -16.66 -29.63
C ILE B 178 -25.50 -17.08 -29.91
N SER B 179 -26.25 -17.45 -28.85
CA SER B 179 -27.68 -17.71 -28.89
C SER B 179 -28.35 -16.83 -27.88
N PRO B 180 -29.69 -16.69 -27.91
CA PRO B 180 -30.34 -15.88 -26.88
C PRO B 180 -30.14 -16.37 -25.45
N ASP B 181 -29.90 -17.68 -25.26
CA ASP B 181 -29.84 -18.27 -23.93
C ASP B 181 -28.44 -18.70 -23.52
N SER B 182 -27.46 -18.67 -24.44
CA SER B 182 -26.12 -19.17 -24.17
C SER B 182 -25.08 -18.56 -25.11
N VAL B 183 -23.81 -18.51 -24.66
CA VAL B 183 -22.69 -18.11 -25.47
C VAL B 183 -21.67 -19.24 -25.49
N LYS B 184 -20.87 -19.27 -26.55
CA LYS B 184 -19.87 -20.30 -26.78
C LYS B 184 -18.65 -19.65 -27.41
N ILE B 185 -17.45 -20.01 -26.91
CA ILE B 185 -16.20 -19.48 -27.44
C ILE B 185 -15.39 -20.65 -28.00
N GLU B 186 -14.69 -20.40 -29.12
CA GLU B 186 -13.80 -21.39 -29.74
C GLU B 186 -12.32 -20.99 -29.48
N SER B 191 -13.46 -25.71 -26.48
CA SER B 191 -14.41 -24.57 -26.47
C SER B 191 -15.26 -24.59 -25.20
N TYR B 192 -15.83 -23.43 -24.83
CA TYR B 192 -16.48 -23.29 -23.54
C TYR B 192 -17.76 -22.48 -23.72
N THR B 193 -18.73 -22.73 -22.84
CA THR B 193 -20.04 -22.07 -22.90
C THR B 193 -20.43 -21.44 -21.55
N ALA B 194 -21.35 -20.47 -21.59
CA ALA B 194 -21.84 -19.72 -20.44
C ALA B 194 -23.18 -19.04 -20.75
N ASP B 195 -23.84 -18.48 -19.75
CA ASP B 195 -25.04 -17.70 -19.96
C ASP B 195 -24.72 -16.34 -20.59
N LYS B 196 -23.60 -15.73 -20.19
CA LYS B 196 -23.23 -14.35 -20.55
C LYS B 196 -21.77 -14.32 -20.99
N LEU B 197 -21.43 -13.36 -21.84
CA LEU B 197 -20.09 -13.12 -22.36
C LEU B 197 -19.72 -11.66 -22.12
N ILE B 198 -18.50 -11.44 -21.58
CA ILE B 198 -17.88 -10.12 -21.57
C ILE B 198 -16.67 -10.20 -22.47
N VAL B 199 -16.56 -9.23 -23.39
CA VAL B 199 -15.48 -9.19 -24.36
C VAL B 199 -14.63 -7.95 -24.08
N SER B 200 -13.36 -8.18 -23.75
CA SER B 200 -12.46 -7.12 -23.26
C SER B 200 -11.03 -7.50 -23.69
N MET B 201 -10.81 -7.56 -25.00
CA MET B 201 -9.55 -8.07 -25.55
C MET B 201 -8.56 -6.96 -25.90
N GLY B 202 -8.78 -5.73 -25.40
CA GLY B 202 -7.81 -4.68 -25.57
C GLY B 202 -7.48 -4.41 -27.04
N ALA B 203 -6.20 -4.32 -27.42
CA ALA B 203 -5.82 -4.01 -28.80
C ALA B 203 -6.36 -5.06 -29.78
N TRP B 204 -6.60 -6.27 -29.32
CA TRP B 204 -7.11 -7.32 -30.20
C TRP B 204 -8.60 -7.18 -30.45
N ASN B 205 -9.30 -6.29 -29.75
CA ASN B 205 -10.66 -6.00 -30.14
C ASN B 205 -10.67 -5.53 -31.60
N SER B 206 -9.61 -4.85 -32.06
CA SER B 206 -9.49 -4.34 -33.42
C SER B 206 -9.49 -5.45 -34.47
N LYS B 207 -9.20 -6.69 -34.08
CA LYS B 207 -9.11 -7.79 -35.04
C LYS B 207 -10.23 -8.81 -34.89
N LEU B 208 -10.87 -8.89 -33.71
CA LEU B 208 -11.70 -10.04 -33.38
C LEU B 208 -13.16 -9.65 -33.11
N LEU B 209 -13.50 -8.36 -33.06
CA LEU B 209 -14.92 -8.01 -32.85
C LEU B 209 -15.71 -8.27 -34.15
N SER B 210 -15.02 -8.32 -35.30
CA SER B 210 -15.62 -8.80 -36.54
C SER B 210 -16.26 -10.18 -36.40
N LYS B 211 -15.77 -11.05 -35.51
CA LYS B 211 -16.35 -12.37 -35.26
C LYS B 211 -17.69 -12.28 -34.51
N LEU B 212 -18.04 -11.11 -34.01
CA LEU B 212 -19.36 -10.83 -33.45
C LEU B 212 -20.17 -9.91 -34.36
N ASN B 213 -19.81 -9.87 -35.65
CA ASN B 213 -20.55 -9.07 -36.62
C ASN B 213 -20.57 -7.59 -36.27
N LEU B 214 -19.50 -7.06 -35.65
CA LEU B 214 -19.35 -5.65 -35.41
C LEU B 214 -18.25 -5.10 -36.32
N ASP B 215 -18.49 -3.92 -36.84
CA ASP B 215 -17.54 -3.25 -37.73
C ASP B 215 -17.29 -1.84 -37.22
N ILE B 216 -16.40 -1.70 -36.24
CA ILE B 216 -16.13 -0.44 -35.56
C ILE B 216 -14.66 -0.07 -35.69
N PRO B 217 -14.34 1.12 -36.19
CA PRO B 217 -12.95 1.57 -36.30
C PRO B 217 -12.25 1.62 -34.95
N LEU B 218 -11.22 0.77 -34.80
CA LEU B 218 -10.42 0.69 -33.60
C LEU B 218 -8.99 0.59 -34.11
N GLN B 219 -8.18 1.56 -33.79
CA GLN B 219 -6.81 1.58 -34.30
C GLN B 219 -5.82 1.41 -33.14
N PRO B 220 -5.07 0.29 -33.08
CA PRO B 220 -3.99 0.14 -32.09
C PRO B 220 -2.79 1.01 -32.45
N TYR B 221 -2.17 1.60 -31.41
CA TYR B 221 -0.98 2.43 -31.53
C TYR B 221 0.08 1.94 -30.55
N ARG B 222 1.34 2.00 -31.04
CA ARG B 222 2.53 1.68 -30.24
C ARG B 222 2.97 2.93 -29.49
N GLN B 223 2.92 2.84 -28.14
CA GLN B 223 3.18 3.95 -27.23
C GLN B 223 4.28 3.60 -26.24
N VAL B 224 5.40 4.30 -26.30
CA VAL B 224 6.54 3.97 -25.43
C VAL B 224 6.59 4.93 -24.25
N VAL B 225 7.29 4.46 -23.21
CA VAL B 225 7.63 5.23 -22.02
C VAL B 225 9.10 5.00 -21.69
N GLY B 226 9.71 5.99 -21.09
CA GLY B 226 11.11 5.86 -20.65
C GLY B 226 11.25 6.31 -19.20
N PHE B 227 12.19 5.72 -18.47
CA PHE B 227 12.59 6.06 -17.12
C PHE B 227 13.98 6.65 -17.22
N PHE B 228 14.18 7.82 -16.63
CA PHE B 228 15.44 8.55 -16.76
C PHE B 228 16.08 8.77 -15.37
N GLU B 229 17.41 8.68 -15.32
CA GLU B 229 18.14 9.08 -14.13
C GLU B 229 17.88 10.55 -13.85
N SER B 230 17.48 10.84 -12.61
CA SER B 230 16.99 12.16 -12.27
C SER B 230 17.62 12.71 -10.99
N ASP B 231 17.52 14.02 -10.80
CA ASP B 231 17.92 14.65 -9.53
C ASP B 231 16.88 14.29 -8.47
N GLU B 232 17.21 13.36 -7.57
CA GLU B 232 16.23 12.83 -6.61
C GLU B 232 15.80 13.90 -5.60
N SER B 233 16.60 14.96 -5.41
CA SER B 233 16.24 16.05 -4.51
C SER B 233 15.09 16.90 -5.04
N LYS B 234 14.76 16.74 -6.32
CA LYS B 234 13.70 17.45 -7.03
C LYS B 234 12.58 16.50 -7.50
N TYR B 235 12.89 15.35 -8.06
CA TYR B 235 11.91 14.56 -8.81
C TYR B 235 11.39 13.33 -8.07
N SER B 236 11.86 13.04 -6.85
CA SER B 236 11.30 11.94 -6.06
C SER B 236 9.88 12.21 -5.58
N ASN B 237 9.13 11.08 -5.56
CA ASN B 237 7.87 11.07 -4.84
C ASN B 237 8.08 11.46 -3.37
N ASP B 238 9.23 11.17 -2.82
CA ASP B 238 9.45 11.48 -1.40
C ASP B 238 9.50 12.98 -1.09
N ILE B 239 9.82 13.80 -2.08
CA ILE B 239 9.81 15.25 -1.96
C ILE B 239 8.59 15.85 -2.67
N ASP B 240 7.55 15.03 -2.88
CA ASP B 240 6.25 15.51 -3.35
C ASP B 240 6.26 16.01 -4.80
N PHE B 241 7.19 15.51 -5.61
CA PHE B 241 7.05 15.79 -7.03
C PHE B 241 5.82 15.05 -7.56
N PRO B 242 4.98 15.69 -8.40
CA PRO B 242 3.66 15.16 -8.73
C PRO B 242 3.69 14.30 -9.97
N GLY B 243 2.66 13.48 -10.15
CA GLY B 243 2.31 13.01 -11.47
C GLY B 243 1.90 14.19 -12.33
N PHE B 244 1.90 14.03 -13.65
CA PHE B 244 1.61 15.20 -14.49
C PHE B 244 1.08 14.76 -15.85
N MET B 245 0.27 15.63 -16.46
CA MET B 245 -0.22 15.48 -17.83
C MET B 245 -0.37 16.91 -18.33
N VAL B 246 0.40 17.28 -19.39
CA VAL B 246 0.58 18.66 -19.75
C VAL B 246 0.48 18.82 -21.27
N GLU B 247 0.07 20.01 -21.68
CA GLU B 247 0.01 20.35 -23.11
C GLU B 247 1.03 21.44 -23.44
N VAL B 248 1.85 21.13 -24.44
CA VAL B 248 2.84 22.07 -24.98
C VAL B 248 2.57 22.19 -26.48
N PRO B 249 3.13 23.23 -27.18
CA PRO B 249 2.75 23.44 -28.58
C PRO B 249 2.82 22.20 -29.49
N ASN B 250 3.73 21.25 -29.26
CA ASN B 250 3.76 20.07 -30.12
CA ASN B 250 3.85 20.02 -30.05
C ASN B 250 3.07 18.83 -29.50
N GLY B 251 2.20 19.03 -28.49
CA GLY B 251 1.34 17.94 -28.03
C GLY B 251 1.28 17.75 -26.51
N ILE B 252 0.81 16.55 -26.13
CA ILE B 252 0.62 16.19 -24.73
C ILE B 252 1.64 15.16 -24.28
N TYR B 253 2.20 15.45 -23.09
CA TYR B 253 3.14 14.56 -22.43
C TYR B 253 2.58 14.23 -21.04
N TYR B 254 3.01 13.10 -20.48
CA TYR B 254 2.58 12.72 -19.15
C TYR B 254 3.75 12.09 -18.45
N GLY B 255 3.73 12.09 -17.12
CA GLY B 255 4.82 11.46 -16.41
C GLY B 255 4.59 11.27 -14.91
N PHE B 256 5.63 10.73 -14.28
CA PHE B 256 5.54 10.19 -12.94
C PHE B 256 6.77 10.60 -12.18
N PRO B 257 6.65 10.85 -10.86
CA PRO B 257 7.84 11.08 -10.03
C PRO B 257 8.64 9.78 -9.93
N SER B 258 9.93 9.91 -9.57
CA SER B 258 10.75 8.75 -9.26
C SER B 258 10.27 8.08 -7.97
N PHE B 259 10.10 6.75 -8.00
CA PHE B 259 9.72 5.99 -6.82
C PHE B 259 10.91 5.11 -6.47
N GLY B 260 11.43 5.29 -5.27
CA GLY B 260 12.52 4.41 -4.85
C GLY B 260 13.75 4.51 -5.76
N GLY B 261 13.93 5.64 -6.42
CA GLY B 261 15.09 5.83 -7.26
C GLY B 261 14.94 5.24 -8.67
N CYS B 262 13.74 4.84 -9.06
CA CYS B 262 13.52 4.24 -10.37
C CYS B 262 13.73 5.24 -11.51
N GLY B 263 13.67 6.54 -11.21
CA GLY B 263 13.78 7.59 -12.21
C GLY B 263 12.42 8.15 -12.59
N LEU B 264 12.42 9.41 -12.97
CA LEU B 264 11.22 9.99 -13.57
C LEU B 264 10.83 9.23 -14.83
N LYS B 265 9.53 8.96 -14.99
CA LYS B 265 9.01 8.25 -16.16
C LYS B 265 8.23 9.24 -17.00
N LEU B 266 8.41 9.20 -18.33
CA LEU B 266 7.79 10.14 -19.25
C LEU B 266 7.25 9.37 -20.46
N GLY B 267 6.09 9.79 -20.95
CA GLY B 267 5.56 9.35 -22.22
C GLY B 267 5.06 10.53 -23.03
N TYR B 268 5.02 10.35 -24.37
CA TYR B 268 4.44 11.32 -25.28
C TYR B 268 3.10 10.72 -25.73
N HIS B 269 2.02 11.45 -25.45
CA HIS B 269 0.68 10.89 -25.61
C HIS B 269 0.09 11.06 -27.02
N THR B 270 0.40 12.16 -27.69
CA THR B 270 -0.34 12.49 -28.91
C THR B 270 0.33 11.94 -30.17
N PHE B 271 1.41 11.16 -30.05
CA PHE B 271 2.02 10.48 -31.19
C PHE B 271 2.30 9.04 -30.79
N GLY B 272 2.11 8.12 -31.74
CA GLY B 272 2.54 6.73 -31.64
C GLY B 272 2.49 6.11 -33.03
N GLN B 273 3.03 4.92 -33.20
CA GLN B 273 2.95 4.29 -34.52
C GLN B 273 1.67 3.48 -34.62
N LYS B 274 1.02 3.46 -35.80
CA LYS B 274 -0.08 2.52 -36.03
C LYS B 274 0.45 1.12 -36.20
N ILE B 275 -0.10 0.15 -35.52
CA ILE B 275 0.44 -1.20 -35.49
C ILE B 275 -0.67 -2.24 -35.50
N ASP B 276 -0.25 -3.48 -35.71
CA ASP B 276 -1.04 -4.67 -35.51
C ASP B 276 -0.58 -5.30 -34.21
N PRO B 277 -1.47 -5.62 -33.25
CA PRO B 277 -1.04 -6.17 -31.97
C PRO B 277 -0.34 -7.52 -32.03
N ASP B 278 -0.52 -8.27 -33.13
CA ASP B 278 0.17 -9.54 -33.27
C ASP B 278 1.57 -9.36 -33.84
N THR B 279 1.94 -8.15 -34.35
CA THR B 279 3.25 -7.95 -34.98
C THR B 279 4.04 -6.74 -34.43
N ILE B 280 3.51 -6.09 -33.37
CA ILE B 280 4.17 -4.92 -32.76
C ILE B 280 5.56 -5.31 -32.23
N ASN B 281 6.51 -4.42 -32.48
CA ASN B 281 7.83 -4.53 -31.86
C ASN B 281 7.85 -3.86 -30.47
N ARG B 282 8.04 -4.66 -29.42
CA ARG B 282 7.99 -4.18 -28.05
C ARG B 282 9.38 -3.86 -27.45
N GLU B 283 10.38 -3.67 -28.28
CA GLU B 283 11.69 -3.23 -27.82
C GLU B 283 11.80 -1.71 -27.88
N PHE B 284 11.97 -1.11 -26.70
CA PHE B 284 12.15 0.32 -26.64
C PHE B 284 13.44 0.68 -27.36
N GLY B 285 13.43 1.73 -28.18
CA GLY B 285 14.59 2.28 -28.84
C GLY B 285 14.82 1.71 -30.23
N VAL B 286 13.96 0.82 -30.72
CA VAL B 286 14.13 0.34 -32.10
C VAL B 286 13.98 1.49 -33.08
N TYR B 287 13.19 2.52 -32.73
CA TYR B 287 13.09 3.69 -33.56
C TYR B 287 13.70 4.86 -32.84
N PRO B 288 14.36 5.78 -33.54
CA PRO B 288 15.03 6.91 -32.90
C PRO B 288 14.04 7.78 -32.12
N GLU B 289 12.80 7.82 -32.55
CA GLU B 289 11.86 8.74 -31.94
CA GLU B 289 11.82 8.72 -31.94
C GLU B 289 11.51 8.29 -30.51
N ASP B 290 11.67 7.01 -30.20
CA ASP B 290 11.28 6.49 -28.90
C ASP B 290 11.92 7.32 -27.80
N GLU B 291 13.22 7.51 -27.86
CA GLU B 291 13.93 8.28 -26.86
C GLU B 291 13.95 9.76 -27.18
N SER B 292 14.09 10.15 -28.47
CA SER B 292 14.31 11.56 -28.79
CA SER B 292 14.28 11.55 -28.86
C SER B 292 13.08 12.42 -28.48
N ASN B 293 11.87 11.88 -28.68
CA ASN B 293 10.68 12.67 -28.39
C ASN B 293 10.59 12.93 -26.87
N LEU B 294 11.07 12.01 -26.05
CA LEU B 294 11.01 12.19 -24.59
C LEU B 294 12.04 13.22 -24.13
N ARG B 295 13.29 13.13 -24.67
CA ARG B 295 14.33 14.09 -24.29
C ARG B 295 13.99 15.51 -24.73
N ALA B 296 13.32 15.66 -25.86
CA ALA B 296 12.93 17.00 -26.31
C ALA B 296 12.10 17.75 -25.28
N PHE B 297 11.20 17.02 -24.58
CA PHE B 297 10.40 17.58 -23.50
C PHE B 297 11.28 17.81 -22.27
N LEU B 298 12.02 16.80 -21.84
CA LEU B 298 12.78 16.90 -20.60
C LEU B 298 13.74 18.09 -20.61
N GLU B 299 14.44 18.24 -21.73
CA GLU B 299 15.48 19.26 -21.81
C GLU B 299 14.90 20.66 -21.65
N GLU B 300 13.64 20.85 -22.03
CA GLU B 300 13.00 22.14 -22.00
C GLU B 300 12.23 22.41 -20.70
N TYR B 301 11.56 21.37 -20.12
CA TYR B 301 10.59 21.61 -19.05
C TYR B 301 11.03 20.98 -17.72
N MET B 302 11.82 19.91 -17.77
CA MET B 302 12.21 19.18 -16.56
C MET B 302 13.68 18.80 -16.66
N PRO B 303 14.58 19.82 -16.71
CA PRO B 303 15.95 19.56 -17.20
C PRO B 303 16.87 18.75 -16.30
N GLY B 304 16.50 18.59 -15.01
CA GLY B 304 17.24 17.75 -14.10
C GLY B 304 16.77 16.30 -14.09
N ALA B 305 15.78 15.93 -14.95
CA ALA B 305 15.31 14.58 -15.10
C ALA B 305 15.69 14.01 -16.48
N ASN B 306 16.83 14.43 -17.02
CA ASN B 306 17.22 14.13 -18.39
C ASN B 306 18.56 13.39 -18.38
N GLY B 307 18.76 12.46 -17.45
CA GLY B 307 20.00 11.71 -17.39
C GLY B 307 19.91 10.43 -18.19
N GLU B 308 20.73 9.47 -17.79
CA GLU B 308 20.82 8.20 -18.51
C GLU B 308 19.44 7.51 -18.54
N LEU B 309 19.10 6.92 -19.67
CA LEU B 309 17.95 6.04 -19.74
C LEU B 309 18.16 4.80 -18.90
N LYS B 310 17.26 4.53 -17.98
CA LYS B 310 17.34 3.43 -17.06
C LYS B 310 16.53 2.22 -17.54
N ARG B 311 15.38 2.49 -18.20
CA ARG B 311 14.38 1.46 -18.49
C ARG B 311 13.45 2.06 -19.54
N GLY B 312 13.00 1.23 -20.49
CA GLY B 312 11.95 1.61 -21.42
C GLY B 312 10.91 0.51 -21.47
N ALA B 313 9.70 0.90 -21.90
CA ALA B 313 8.62 -0.04 -22.11
C ALA B 313 7.78 0.39 -23.32
N VAL B 314 7.10 -0.59 -23.90
CA VAL B 314 6.34 -0.44 -25.15
C VAL B 314 4.98 -1.07 -24.93
N CYS B 315 3.93 -0.24 -25.05
CA CYS B 315 2.58 -0.61 -24.71
C CYS B 315 1.63 -0.10 -25.80
N MET B 316 0.38 -0.59 -25.82
CA MET B 316 -0.56 -0.19 -26.88
C MET B 316 -1.71 0.65 -26.34
N TYR B 317 -2.08 1.68 -27.09
CA TYR B 317 -3.42 2.28 -26.99
C TYR B 317 -4.35 1.66 -28.03
N THR B 318 -5.66 1.73 -27.83
CA THR B 318 -6.63 1.34 -28.86
C THR B 318 -7.62 2.48 -29.00
N LYS B 319 -7.56 3.25 -30.06
CA LYS B 319 -8.35 4.47 -30.21
C LYS B 319 -9.63 4.27 -31.03
N THR B 320 -10.71 4.84 -30.49
CA THR B 320 -11.92 5.12 -31.27
C THR B 320 -11.76 6.44 -32.00
N LEU B 321 -12.71 6.69 -32.93
CA LEU B 321 -12.62 7.92 -33.70
C LEU B 321 -12.84 9.16 -32.84
N ASP B 322 -13.64 9.08 -31.76
CA ASP B 322 -13.87 10.23 -30.91
C ASP B 322 -13.02 10.21 -29.61
N GLU B 323 -12.25 9.12 -29.44
CA GLU B 323 -11.38 8.88 -28.29
C GLU B 323 -12.16 8.70 -26.98
N HIS B 324 -13.45 8.36 -27.08
CA HIS B 324 -14.25 7.97 -25.91
C HIS B 324 -14.41 6.46 -25.95
N PHE B 325 -14.67 5.86 -24.77
CA PHE B 325 -14.69 4.43 -24.61
C PHE B 325 -15.93 3.79 -25.28
N ILE B 326 -15.92 2.49 -25.38
CA ILE B 326 -17.09 1.68 -25.71
C ILE B 326 -17.32 0.75 -24.53
N ILE B 327 -18.48 0.92 -23.90
CA ILE B 327 -18.92 0.06 -22.81
C ILE B 327 -20.43 -0.12 -22.99
N ASP B 328 -20.84 -1.29 -23.45
CA ASP B 328 -22.27 -1.45 -23.79
C ASP B 328 -22.56 -2.91 -24.03
N LEU B 329 -23.87 -3.21 -24.09
CA LEU B 329 -24.33 -4.48 -24.64
C LEU B 329 -24.20 -4.50 -26.16
N HIS B 330 -23.97 -5.67 -26.72
CA HIS B 330 -23.99 -5.83 -28.17
C HIS B 330 -25.41 -5.56 -28.67
N PRO B 331 -25.60 -4.79 -29.75
CA PRO B 331 -26.97 -4.39 -30.15
C PRO B 331 -27.84 -5.55 -30.60
N GLU B 332 -27.25 -6.68 -30.99
CA GLU B 332 -28.02 -7.83 -31.42
C GLU B 332 -28.08 -8.94 -30.35
N HIS B 333 -27.34 -8.78 -29.24
CA HIS B 333 -27.18 -9.88 -28.28
C HIS B 333 -27.09 -9.32 -26.87
N SER B 334 -28.18 -9.33 -26.11
CA SER B 334 -28.22 -8.65 -24.83
C SER B 334 -27.38 -9.40 -23.78
N ASN B 335 -26.99 -10.63 -24.07
CA ASN B 335 -26.15 -11.44 -23.20
C ASN B 335 -24.66 -11.32 -23.53
N VAL B 336 -24.29 -10.35 -24.38
CA VAL B 336 -22.90 -10.06 -24.70
C VAL B 336 -22.61 -8.62 -24.33
N VAL B 337 -21.51 -8.43 -23.54
CA VAL B 337 -21.08 -7.12 -23.09
C VAL B 337 -19.73 -6.82 -23.70
N ILE B 338 -19.53 -5.61 -24.20
CA ILE B 338 -18.32 -5.20 -24.89
C ILE B 338 -17.63 -4.07 -24.10
N ALA B 339 -16.31 -4.19 -23.91
CA ALA B 339 -15.50 -3.12 -23.35
C ALA B 339 -14.33 -2.91 -24.31
N ALA B 340 -14.25 -1.76 -24.95
CA ALA B 340 -13.27 -1.56 -26.01
C ALA B 340 -12.91 -0.11 -26.15
N GLY B 341 -11.80 0.14 -26.84
CA GLY B 341 -11.53 1.46 -27.35
C GLY B 341 -11.15 2.50 -26.30
N PHE B 342 -10.33 2.12 -25.32
CA PHE B 342 -10.05 2.96 -24.17
C PHE B 342 -9.09 4.09 -24.47
N SER B 343 -8.56 4.19 -25.73
CA SER B 343 -8.01 5.42 -26.27
C SER B 343 -6.92 6.06 -25.41
N GLY B 344 -6.11 5.20 -24.75
CA GLY B 344 -4.96 5.62 -23.99
C GLY B 344 -5.28 6.23 -22.62
N HIS B 345 -6.53 6.13 -22.14
CA HIS B 345 -6.85 6.78 -20.87
C HIS B 345 -7.86 5.98 -20.05
N GLY B 346 -7.90 4.66 -20.21
CA GLY B 346 -8.85 3.82 -19.50
C GLY B 346 -8.39 3.22 -18.18
N PHE B 347 -7.08 3.09 -17.89
CA PHE B 347 -6.69 2.23 -16.76
C PHE B 347 -7.29 2.73 -15.46
N LYS B 348 -7.27 4.04 -15.25
CA LYS B 348 -7.75 4.64 -14.00
C LYS B 348 -9.19 4.21 -13.70
N PHE B 349 -9.98 3.96 -14.77
CA PHE B 349 -11.39 3.63 -14.64
C PHE B 349 -11.60 2.13 -14.51
N SER B 350 -10.57 1.29 -14.60
CA SER B 350 -10.80 -0.13 -14.76
C SER B 350 -11.53 -0.71 -13.55
N SER B 351 -11.29 -0.21 -12.36
CA SER B 351 -12.05 -0.72 -11.22
C SER B 351 -13.55 -0.45 -11.42
N GLY B 352 -13.91 0.80 -11.76
CA GLY B 352 -15.30 1.18 -11.99
C GLY B 352 -15.88 0.42 -13.16
N VAL B 353 -15.11 0.27 -14.24
CA VAL B 353 -15.55 -0.48 -15.39
C VAL B 353 -15.82 -1.92 -15.01
N GLY B 354 -15.00 -2.54 -14.16
CA GLY B 354 -15.29 -3.92 -13.77
C GLY B 354 -16.66 -4.00 -13.09
N GLU B 355 -17.02 -3.01 -12.28
CA GLU B 355 -18.33 -2.95 -11.63
C GLU B 355 -19.40 -2.82 -12.70
N VAL B 356 -19.26 -1.88 -13.66
CA VAL B 356 -20.21 -1.71 -14.75
C VAL B 356 -20.41 -3.00 -15.52
N LEU B 357 -19.32 -3.66 -15.90
CA LEU B 357 -19.41 -4.85 -16.72
C LEU B 357 -20.14 -5.96 -15.97
N SER B 358 -19.85 -6.13 -14.68
CA SER B 358 -20.52 -7.12 -13.87
CA SER B 358 -20.53 -7.12 -13.86
C SER B 358 -22.03 -6.85 -13.84
N GLN B 359 -22.45 -5.61 -13.62
CA GLN B 359 -23.85 -5.22 -13.58
C GLN B 359 -24.51 -5.49 -14.94
N LEU B 360 -23.87 -5.11 -16.03
CA LEU B 360 -24.44 -5.32 -17.36
C LEU B 360 -24.62 -6.82 -17.62
N ALA B 361 -23.63 -7.65 -17.29
CA ALA B 361 -23.67 -9.09 -17.49
C ALA B 361 -24.79 -9.72 -16.65
N LEU B 362 -25.01 -9.25 -15.44
CA LEU B 362 -25.99 -9.91 -14.58
C LEU B 362 -27.41 -9.39 -14.76
N THR B 363 -27.63 -8.13 -15.18
CA THR B 363 -28.94 -7.51 -15.17
C THR B 363 -29.27 -6.78 -16.45
N GLY B 364 -28.28 -6.51 -17.32
CA GLY B 364 -28.48 -5.70 -18.52
C GLY B 364 -28.54 -4.21 -18.26
N LYS B 365 -28.25 -3.76 -17.03
CA LYS B 365 -28.29 -2.36 -16.65
C LYS B 365 -27.14 -2.08 -15.69
N THR B 366 -26.73 -0.83 -15.56
CA THR B 366 -25.76 -0.46 -14.56
C THR B 366 -26.30 0.77 -13.83
N GLU B 367 -25.85 1.01 -12.60
CA GLU B 367 -26.23 2.19 -11.87
C GLU B 367 -25.54 3.45 -12.40
N HIS B 368 -24.42 3.30 -13.11
CA HIS B 368 -23.61 4.41 -13.62
C HIS B 368 -24.16 4.89 -14.96
N ASP B 369 -24.00 6.19 -15.24
CA ASP B 369 -24.36 6.74 -16.54
C ASP B 369 -23.24 6.43 -17.51
N ILE B 370 -23.54 5.58 -18.48
CA ILE B 370 -22.58 5.15 -19.49
C ILE B 370 -23.01 5.56 -20.90
N SER B 371 -23.94 6.51 -21.01
CA SER B 371 -24.46 6.93 -22.31
C SER B 371 -23.36 7.32 -23.31
N ILE B 372 -22.37 8.05 -22.80
CA ILE B 372 -21.32 8.57 -23.66
C ILE B 372 -20.40 7.46 -24.21
N PHE B 373 -20.60 6.23 -23.78
CA PHE B 373 -19.82 5.08 -24.20
C PHE B 373 -20.64 4.10 -25.05
N SER B 374 -21.80 4.52 -25.54
CA SER B 374 -22.66 3.66 -26.33
C SER B 374 -22.01 3.11 -27.60
N ILE B 375 -22.14 1.82 -27.84
CA ILE B 375 -21.59 1.14 -29.00
C ILE B 375 -22.34 1.56 -30.27
N ASN B 376 -23.48 2.22 -30.09
CA ASN B 376 -24.35 2.55 -31.22
C ASN B 376 -24.26 4.02 -31.60
N ARG B 377 -23.41 4.80 -30.94
CA ARG B 377 -23.31 6.22 -31.24
C ARG B 377 -22.68 6.40 -32.61
N PRO B 378 -23.19 7.33 -33.46
CA PRO B 378 -22.63 7.53 -34.79
C PRO B 378 -21.20 8.02 -34.82
N ALA B 379 -20.75 8.69 -33.76
CA ALA B 379 -19.40 9.23 -33.73
C ALA B 379 -18.33 8.17 -33.84
N LEU B 380 -18.67 6.91 -33.61
CA LEU B 380 -17.74 5.82 -33.75
C LEU B 380 -17.36 5.53 -35.20
N LYS B 381 -18.21 5.93 -36.17
CA LYS B 381 -18.04 5.49 -37.54
C LYS B 381 -17.83 6.70 -38.42
N GLU B 382 -17.22 6.47 -39.57
CA GLU B 382 -16.76 7.56 -40.43
C GLU B 382 -17.96 8.11 -41.22
PA FAD C . 13.47 -0.96 17.67
O1A FAD C . 14.32 -2.18 17.83
O2A FAD C . 12.57 -0.87 16.49
O5B FAD C . 14.40 0.32 17.58
C5B FAD C . 15.52 0.58 18.46
C4B FAD C . 16.68 1.07 17.61
O4B FAD C . 17.70 1.52 18.54
C3B FAD C . 17.32 0.03 16.65
O3B FAD C . 17.24 0.42 15.30
C2B FAD C . 18.73 -0.10 17.23
O2B FAD C . 19.72 -0.37 16.26
C1B FAD C . 18.95 1.27 17.86
N9A FAD C . 20.00 1.36 18.86
C8A FAD C . 20.19 0.53 19.92
N7A FAD C . 21.23 0.87 20.69
C5A FAD C . 21.72 2.00 20.06
C6A FAD C . 22.83 2.83 20.35
N6A FAD C . 23.65 2.65 21.40
N1A FAD C . 23.05 3.87 19.54
C2A FAD C . 22.20 4.06 18.50
N3A FAD C . 21.19 3.31 18.11
C4A FAD C . 20.99 2.30 18.95
N1 FAD C . 3.94 -5.06 18.26
C2 FAD C . 2.73 -4.84 17.66
O2 FAD C . 2.10 -3.77 17.80
N3 FAD C . 2.13 -5.86 16.92
C4 FAD C . 2.65 -7.15 16.79
O4 FAD C . 2.10 -7.96 16.05
C4X FAD C . 3.89 -7.33 17.39
N5 FAD C . 4.48 -8.55 17.29
C5X FAD C . 5.81 -8.66 17.64
C6 FAD C . 6.50 -9.84 17.34
C7 FAD C . 7.82 -10.01 17.61
C7M FAD C . 8.55 -11.30 17.28
C8 FAD C . 8.53 -8.95 18.18
C8M FAD C . 10.01 -9.00 18.43
C9 FAD C . 7.85 -7.78 18.49
C9A FAD C . 6.50 -7.61 18.23
N10 FAD C . 5.81 -6.44 18.55
C10 FAD C . 4.50 -6.24 18.09
C1' FAD C . 6.45 -5.38 19.34
C2' FAD C . 7.10 -4.26 18.56
O2' FAD C . 7.72 -4.77 17.36
C3' FAD C . 8.03 -3.46 19.46
O3' FAD C . 7.32 -3.04 20.63
C4' FAD C . 8.62 -2.25 18.74
O4' FAD C . 9.19 -2.60 17.49
C5' FAD C . 9.62 -1.54 19.66
O5' FAD C . 10.17 -0.45 18.91
P FAD C . 11.49 0.32 19.39
O1P FAD C . 11.61 1.54 18.54
O2P FAD C . 11.49 0.44 20.85
O3P FAD C . 12.66 -0.72 18.99
N DPR D . 1.82 -8.65 20.81
CA DPR D . 0.71 -8.78 19.85
CB DPR D . 1.19 -9.62 18.67
CG DPR D . 2.43 -10.34 19.21
CD DPR D . 2.92 -9.56 20.41
C DPR D . 0.38 -7.38 19.36
O DPR D . 1.17 -6.56 19.82
OXT DPR D . -0.61 -7.21 18.60
CL CL E . 9.04 -4.54 22.64
C1 GOL F . 16.93 -17.39 10.72
O1 GOL F . 17.71 -18.24 11.54
C2 GOL F . 17.09 -15.96 11.20
O2 GOL F . 16.53 -15.90 12.50
C3 GOL F . 18.54 -15.49 11.21
O3 GOL F . 18.71 -14.19 10.64
C1 GOL G . 25.34 -1.97 23.00
O1 GOL G . 25.29 -2.08 24.41
C2 GOL G . 25.07 -0.55 22.54
O2 GOL G . 26.28 -0.09 21.99
C3 GOL G . 23.90 -0.36 21.58
O3 GOL G . 24.10 -0.89 20.27
C1 GOL H . -9.49 5.30 4.68
O1 GOL H . -10.72 4.77 4.20
C2 GOL H . -8.40 5.19 3.63
O2 GOL H . -7.38 6.14 3.94
C3 GOL H . -8.90 5.38 2.20
O3 GOL H . -9.09 6.76 1.87
S SO4 I . 34.30 16.04 21.57
O1 SO4 I . 33.83 17.20 20.85
O2 SO4 I . 34.80 15.06 20.63
O3 SO4 I . 35.35 16.44 22.46
O4 SO4 I . 33.21 15.46 22.33
PA FAD J . -5.49 -5.02 -21.72
O1A FAD J . -4.34 -5.08 -22.68
O2A FAD J . -5.12 -4.69 -20.31
O5B FAD J . -6.26 -6.38 -21.62
C5B FAD J . -6.66 -7.11 -22.85
C4B FAD J . -6.42 -8.57 -22.61
O4B FAD J . -7.02 -9.35 -23.70
C3B FAD J . -4.93 -8.95 -22.54
O3B FAD J . -4.56 -9.54 -21.31
C2B FAD J . -4.77 -9.92 -23.71
O2B FAD J . -3.80 -10.93 -23.52
C1B FAD J . -6.17 -10.48 -23.89
N9A FAD J . -6.50 -11.06 -25.22
C8A FAD J . -6.30 -10.49 -26.44
N7A FAD J . -6.75 -11.22 -27.44
C5A FAD J . -7.30 -12.32 -26.80
C6A FAD J . -7.93 -13.47 -27.29
N6A FAD J . -8.14 -13.70 -28.58
N1A FAD J . -8.38 -14.38 -26.39
C2A FAD J . -8.20 -14.15 -25.08
N3A FAD J . -7.60 -13.10 -24.51
C4A FAD J . -7.17 -12.23 -25.42
N1 FAD J . -4.62 4.92 -18.70
C2 FAD J . -4.80 5.67 -17.57
O2 FAD J . -5.91 5.75 -17.02
N3 FAD J . -3.70 6.31 -16.99
C4 FAD J . -2.44 6.44 -17.61
O4 FAD J . -1.54 7.03 -17.00
C4X FAD J . -2.28 5.69 -18.77
N5 FAD J . -1.08 5.72 -19.41
C5X FAD J . -0.87 4.81 -20.42
C6 FAD J . 0.42 4.69 -20.97
C7 FAD J . 0.75 3.71 -21.87
C7M FAD J . 2.13 3.63 -22.46
C8 FAD J . -0.26 2.81 -22.28
C8M FAD J . 0.02 1.75 -23.31
C9 FAD J . -1.57 3.02 -21.85
C9A FAD J . -1.88 3.95 -20.86
N10 FAD J . -3.16 4.12 -20.35
C10 FAD J . -3.41 4.94 -19.27
C1' FAD J . -4.29 3.35 -20.94
C2' FAD J . -4.70 2.06 -20.24
O2' FAD J . -3.46 1.41 -19.89
C3' FAD J . -5.58 1.22 -21.17
O3' FAD J . -6.66 2.04 -21.59
C4' FAD J . -6.11 -0.03 -20.49
O4' FAD J . -5.02 -0.79 -19.94
C5' FAD J . -6.86 -0.89 -21.48
O5' FAD J . -7.27 -2.09 -20.83
P FAD J . -7.88 -3.33 -21.61
O1P FAD J . -8.38 -4.24 -20.57
O2P FAD J . -8.72 -2.86 -22.73
O3P FAD J . -6.52 -3.94 -22.29
N DPR K . -3.27 9.29 -20.90
CA DPR K . -3.06 9.93 -19.58
CB DPR K . -1.65 9.57 -19.08
CG DPR K . -1.24 8.47 -20.03
CD DPR K . -1.98 8.71 -21.30
C DPR K . -4.05 9.34 -18.58
O DPR K . -4.71 8.48 -19.09
OXT DPR K . -4.06 9.77 -17.40
CL CL L . -6.09 2.00 -24.58
C1 GOL M . 10.55 -4.39 -22.31
O1 GOL M . 11.00 -5.74 -22.31
C2 GOL M . 11.04 -3.66 -23.54
O2 GOL M . 10.14 -2.63 -23.94
C3 GOL M . 12.42 -3.07 -23.36
O3 GOL M . 13.05 -2.97 -24.63
S SO4 N . -11.11 -28.30 -19.69
O1 SO4 N . -10.92 -26.91 -19.38
O2 SO4 N . -11.94 -28.41 -20.86
O3 SO4 N . -9.83 -28.92 -19.94
O4 SO4 N . -11.75 -28.96 -18.59
S SO4 O . 20.33 14.11 -13.80
O1 SO4 O . 21.33 14.65 -14.69
O2 SO4 O . 19.11 13.87 -14.53
O3 SO4 O . 20.79 12.87 -13.24
O4 SO4 O . 20.08 15.07 -12.74
S SO4 P . 3.29 -14.17 -20.96
O1 SO4 P . 3.84 -13.02 -21.64
O2 SO4 P . 2.78 -15.11 -21.95
O3 SO4 P . 4.35 -14.82 -20.19
O4 SO4 P . 2.23 -13.83 -20.05
#